data_8WGM
#
_entry.id   8WGM
#
_cell.length_a   58.355
_cell.length_b   156.283
_cell.length_c   165.000
_cell.angle_alpha   90.000
_cell.angle_beta   90.000
_cell.angle_gamma   90.000
#
_symmetry.space_group_name_H-M   'P 21 21 21'
#
loop_
_entity.id
_entity.type
_entity.pdbx_description
1 polymer 'Bifunctional dihydrofolate reductase-thymidylate synthase'
2 non-polymer 'NADPH DIHYDRO-NICOTINAMIDE-ADENINE-DINUCLEOTIDE PHOSPHATE'
3 non-polymer "2'-DEOXYURIDINE 5'-MONOPHOSPHATE"
4 non-polymer (3~{E})-3-[[2-[3-[2,4-bis(azanyl)-6-ethyl-pyrimidin-5-yl]oxypropoxy]phenyl]methylidene]oxolan-2-one
5 water water
#
_entity_poly.entity_id   1
_entity_poly.type   'polypeptide(L)'
_entity_poly.pdbx_seq_one_letter_code
;MMEQVCDVFDIYAICACCKVESKNEAAANEVFNNYTFRGLGNKGVLPWKCISLDMKYFRAVTTYVNESKYEKLKYKRCKY
LNKETVDNVNDMPNSKKLQNVVVMGRTNWESIPKKFKPLSNRINVILSRTLKKEDFDEDVYIINKVEDLIVLLGKLNYYK
CFILGGSVVYQEFLEKKLIKKIYFTRINSTYECDVFFPEINENEYQIISVSDVYTSNNTTLDFIIYKKTNNKMLNEQNCI
KGEEKNNDMPLKNDDKDTCHMKKLTEFYKNVDKYKINYENDDDDEEEDDFVYFNFNKEKEEKNKNSIHPNDFQIYNSLKY
KYHPEYQYLNIIYDIMMNGNKQSDRTGVGVLSKFGYIMKFDLSQYFPLLTTKKLFLRGIIEELLWFIRGETNGNTLLNKN
VRIWEANGTREFLDNRKLFHREVNDLGPIYGFQWRHFGAEYTNMYDNYENKGVDQLKNIINLIKNDPTSRRILLCAWNVK
DLDQMALPPCHILCQFYVFDGKLSCIMYQRSCDLGLGVPFNIASYSIFTHMIAQVCNLQPAQFIHVLGNAHVYNNHIDSL
KIQLNRIPYPFPTLKLNPDIKNIEDFTISDFTIQNYVHHEKISMDMAA
;
_entity_poly.pdbx_strand_id   A,B
#
# COMPACT_ATOMS: atom_id res chain seq x y z
N MET A 2 -27.96 33.74 12.39
CA MET A 2 -27.70 32.31 12.51
C MET A 2 -26.35 31.93 11.90
N GLU A 3 -26.29 31.92 10.57
CA GLU A 3 -25.06 31.56 9.87
C GLU A 3 -23.97 32.58 10.17
N GLN A 4 -22.73 32.09 10.26
CA GLN A 4 -21.59 32.95 10.55
C GLN A 4 -21.11 33.67 9.30
N VAL A 5 -20.55 34.87 9.51
CA VAL A 5 -20.09 35.69 8.38
C VAL A 5 -19.00 34.98 7.59
N CYS A 6 -18.02 34.41 8.31
CA CYS A 6 -16.93 33.68 7.66
C CYS A 6 -17.45 32.46 6.88
N ASP A 7 -18.56 31.87 7.30
CA ASP A 7 -19.11 30.75 6.56
C ASP A 7 -19.76 31.22 5.26
N VAL A 8 -20.56 32.29 5.33
CA VAL A 8 -21.23 32.80 4.14
C VAL A 8 -20.21 33.18 3.08
N PHE A 9 -19.20 33.95 3.48
CA PHE A 9 -18.29 34.56 2.53
C PHE A 9 -16.96 33.82 2.38
N ASP A 10 -16.82 32.65 3.00
CA ASP A 10 -15.66 31.77 2.79
C ASP A 10 -14.35 32.52 3.01
N ILE A 11 -14.19 33.03 4.22
CA ILE A 11 -13.04 33.82 4.60
C ILE A 11 -12.06 32.88 5.31
N TYR A 12 -10.85 32.78 4.75
CA TYR A 12 -9.80 31.93 5.28
C TYR A 12 -8.57 32.78 5.58
N ALA A 13 -7.72 32.29 6.47
CA ALA A 13 -6.40 32.84 6.73
C ALA A 13 -5.33 31.89 6.21
N ILE A 14 -4.25 32.45 5.66
CA ILE A 14 -3.10 31.66 5.25
C ILE A 14 -1.83 32.39 5.69
N CYS A 15 -0.89 31.61 6.22
CA CYS A 15 0.29 32.19 6.83
C CYS A 15 1.41 31.17 6.83
N ALA A 16 2.62 31.66 7.10
CA ALA A 16 3.82 30.85 7.27
C ALA A 16 4.54 31.31 8.53
N CYS A 17 4.78 30.39 9.47
CA CYS A 17 5.44 30.75 10.72
C CYS A 17 6.69 29.90 10.97
N CYS A 18 7.78 30.56 11.38
CA CYS A 18 9.03 29.93 11.74
C CYS A 18 9.14 29.83 13.27
N LYS A 19 10.22 29.23 13.72
CA LYS A 19 10.57 29.27 15.12
C LYS A 19 11.36 30.54 15.39
N VAL A 20 11.33 31.00 16.64
CA VAL A 20 11.84 32.32 16.99
C VAL A 20 12.92 32.20 18.06
N GLU A 21 13.97 32.98 17.88
CA GLU A 21 15.07 33.01 18.83
C GLU A 21 14.58 33.47 20.20
N SER A 22 15.00 32.77 21.25
CA SER A 22 14.55 33.06 22.61
C SER A 22 15.73 33.41 23.51
N ALA A 26 15.39 26.93 21.79
CA ALA A 26 16.81 27.24 21.91
C ALA A 26 17.51 26.31 22.91
N ALA A 27 17.03 26.31 24.15
CA ALA A 27 17.74 25.68 25.27
C ALA A 27 17.66 24.16 25.18
N ALA A 28 18.40 23.51 26.09
CA ALA A 28 18.31 22.07 26.26
C ALA A 28 17.11 21.70 27.13
N ASN A 29 16.51 20.55 26.83
CA ASN A 29 15.20 20.18 27.38
C ASN A 29 14.17 21.28 27.13
N GLU A 30 14.13 21.73 25.88
CA GLU A 30 13.11 22.68 25.47
C GLU A 30 11.77 21.97 25.31
N VAL A 31 10.68 22.66 25.72
CA VAL A 31 9.32 22.17 25.53
C VAL A 31 8.77 22.76 24.24
N PHE A 32 7.98 21.98 23.50
CA PHE A 32 7.43 22.40 22.22
C PHE A 32 5.91 22.24 22.24
N ASN A 33 5.23 23.15 21.56
CA ASN A 33 3.79 23.08 21.37
C ASN A 33 3.48 23.72 20.02
N ASN A 34 2.19 23.85 19.70
CA ASN A 34 1.84 24.50 18.43
C ASN A 34 2.39 25.92 18.38
N TYR A 35 2.42 26.62 19.52
CA TYR A 35 2.91 27.98 19.56
C TYR A 35 4.41 28.08 19.32
N THR A 36 5.11 26.94 19.24
CA THR A 36 6.52 26.95 18.84
C THR A 36 6.71 27.65 17.50
N PHE A 37 5.77 27.45 16.58
CA PHE A 37 5.81 28.06 15.25
C PHE A 37 4.96 29.32 15.30
N ARG A 38 5.61 30.48 15.44
CA ARG A 38 4.86 31.73 15.50
C ARG A 38 5.52 32.92 14.83
N GLY A 39 6.69 32.77 14.22
CA GLY A 39 7.39 33.91 13.66
C GLY A 39 6.87 34.31 12.29
N LEU A 40 6.41 35.55 12.12
CA LEU A 40 5.83 36.02 10.87
C LEU A 40 6.75 36.94 10.08
N GLY A 41 7.34 37.94 10.74
CA GLY A 41 8.10 38.95 10.04
C GLY A 41 9.18 39.56 10.92
N ASN A 42 10.10 40.25 10.27
CA ASN A 42 11.17 40.95 10.95
C ASN A 42 11.43 42.27 10.24
N LYS A 43 11.37 43.38 10.98
CA LYS A 43 11.69 44.71 10.44
C LYS A 43 10.87 45.00 9.17
N GLY A 44 9.60 44.60 9.18
CA GLY A 44 8.70 44.91 8.10
C GLY A 44 8.79 44.01 6.89
N VAL A 45 9.72 43.05 6.86
CA VAL A 45 9.83 42.07 5.79
C VAL A 45 9.80 40.67 6.41
N LEU A 46 9.96 39.64 5.56
CA LEU A 46 9.94 38.27 6.05
C LEU A 46 11.21 37.95 6.84
N PRO A 47 11.13 37.02 7.79
CA PRO A 47 12.33 36.68 8.59
C PRO A 47 13.35 35.87 7.82
N TRP A 48 12.96 35.25 6.71
CA TRP A 48 13.86 34.42 5.94
C TRP A 48 14.02 35.00 4.55
N LYS A 49 15.16 34.71 3.92
CA LYS A 49 15.43 35.22 2.59
C LYS A 49 14.40 34.73 1.59
N CYS A 50 14.21 33.41 1.52
CA CYS A 50 13.32 32.86 0.51
C CYS A 50 13.06 31.39 0.76
N ILE A 51 11.81 31.01 0.91
CA ILE A 51 11.43 29.61 1.00
C ILE A 51 10.44 29.39 -0.14
N SER A 52 10.94 28.86 -1.25
CA SER A 52 10.19 28.92 -2.48
C SER A 52 9.00 27.94 -2.48
N LEU A 53 9.14 26.79 -1.82
CA LEU A 53 8.03 25.85 -1.84
C LEU A 53 6.82 26.44 -1.12
N ASP A 54 7.03 27.16 -0.02
CA ASP A 54 5.90 27.84 0.62
C ASP A 54 5.30 28.88 -0.31
N MET A 55 6.14 29.58 -1.07
CA MET A 55 5.62 30.56 -2.02
C MET A 55 4.77 29.88 -3.07
N LYS A 56 5.23 28.72 -3.53
CA LYS A 56 4.45 27.97 -4.51
C LYS A 56 3.12 27.52 -3.92
N TYR A 57 3.13 27.01 -2.69
CA TYR A 57 1.90 26.58 -2.03
C TYR A 57 0.95 27.75 -1.84
N PHE A 58 1.46 28.86 -1.31
CA PHE A 58 0.62 30.02 -1.05
C PHE A 58 -0.05 30.51 -2.34
N ARG A 59 0.71 30.56 -3.43
CA ARG A 59 0.15 30.92 -4.72
C ARG A 59 -0.91 29.91 -5.19
N ALA A 60 -0.64 28.61 -5.07
CA ALA A 60 -1.62 27.63 -5.53
C ALA A 60 -2.92 27.76 -4.74
N VAL A 61 -2.81 27.85 -3.41
CA VAL A 61 -4.02 27.92 -2.59
C VAL A 61 -4.83 29.18 -2.91
N THR A 62 -4.15 30.34 -2.98
CA THR A 62 -4.89 31.59 -3.14
C THR A 62 -5.25 31.89 -4.59
N THR A 63 -4.77 31.11 -5.55
CA THR A 63 -5.23 31.33 -6.92
C THR A 63 -6.24 30.29 -7.38
N TYR A 64 -6.35 29.16 -6.68
CA TYR A 64 -7.22 28.08 -7.15
C TYR A 64 -8.70 28.44 -6.99
N VAL A 65 -9.47 28.28 -8.06
CA VAL A 65 -10.92 28.38 -8.01
C VAL A 65 -11.53 27.19 -8.75
N ASN A 66 -12.74 26.83 -8.32
CA ASN A 66 -13.52 25.76 -8.93
C ASN A 66 -14.84 26.36 -9.40
N GLU A 67 -14.97 26.57 -10.72
CA GLU A 67 -16.14 27.26 -11.25
C GLU A 67 -17.43 26.51 -10.94
N SER A 68 -17.38 25.17 -10.97
CA SER A 68 -18.57 24.36 -10.74
C SER A 68 -19.22 24.67 -9.40
N LYS A 69 -18.40 24.94 -8.39
CA LYS A 69 -18.91 25.15 -7.05
C LYS A 69 -19.30 26.60 -6.77
N TYR A 70 -19.09 27.50 -7.74
CA TYR A 70 -19.43 28.90 -7.48
C TYR A 70 -20.93 29.10 -7.38
N GLU A 71 -21.69 28.44 -8.25
CA GLU A 71 -23.14 28.67 -8.29
C GLU A 71 -23.76 28.42 -6.92
N LYS A 72 -23.32 27.37 -6.23
CA LYS A 72 -23.80 27.14 -4.88
C LYS A 72 -23.35 28.25 -3.93
N LEU A 73 -22.11 28.72 -4.07
CA LEU A 73 -21.65 29.82 -3.23
C LEU A 73 -22.42 31.09 -3.54
N LYS A 74 -22.67 31.36 -4.83
CA LYS A 74 -23.41 32.56 -5.20
C LYS A 74 -24.81 32.56 -4.61
N TYR A 75 -25.51 31.42 -4.72
CA TYR A 75 -26.83 31.31 -4.10
C TYR A 75 -26.75 31.50 -2.59
N LYS A 76 -25.78 30.86 -1.96
CA LYS A 76 -25.66 30.94 -0.50
C LYS A 76 -25.52 32.39 -0.05
N ARG A 77 -24.66 33.16 -0.73
CA ARG A 77 -24.45 34.54 -0.31
C ARG A 77 -25.63 35.41 -0.67
N CYS A 78 -26.33 35.11 -1.77
CA CYS A 78 -27.54 35.84 -2.09
C CYS A 78 -28.60 35.64 -1.02
N LYS A 79 -28.83 34.38 -0.61
CA LYS A 79 -29.82 34.11 0.43
C LYS A 79 -29.49 34.87 1.71
N TYR A 80 -28.22 34.90 2.09
CA TYR A 80 -27.83 35.57 3.32
C TYR A 80 -28.09 37.07 3.23
N LEU A 81 -27.90 37.65 2.05
CA LEU A 81 -28.01 39.09 1.89
C LEU A 81 -29.42 39.58 1.57
N ASN A 82 -30.37 38.66 1.40
CA ASN A 82 -31.74 38.96 0.96
C ASN A 82 -31.77 39.49 -0.46
N LYS A 83 -30.86 38.97 -1.29
CA LYS A 83 -30.82 39.24 -2.72
C LYS A 83 -31.55 38.15 -3.48
N GLU A 84 -31.83 38.42 -4.75
CA GLU A 84 -32.46 37.46 -5.63
C GLU A 84 -31.41 36.66 -6.40
N THR A 85 -31.71 35.39 -6.65
CA THR A 85 -30.83 34.52 -7.41
C THR A 85 -30.86 34.85 -8.91
N LYS A 96 -14.56 38.63 -16.00
CA LYS A 96 -13.66 37.65 -16.59
C LYS A 96 -13.76 36.30 -15.89
N LYS A 97 -12.63 35.61 -15.76
CA LYS A 97 -12.61 34.34 -15.04
C LYS A 97 -12.86 34.55 -13.55
N LEU A 98 -13.46 33.54 -12.92
CA LEU A 98 -13.62 33.57 -11.47
C LEU A 98 -12.26 33.67 -10.79
N GLN A 99 -12.18 34.48 -9.75
CA GLN A 99 -10.93 34.64 -9.02
C GLN A 99 -11.24 34.67 -7.53
N ASN A 100 -10.20 34.46 -6.73
CA ASN A 100 -10.26 34.66 -5.28
C ASN A 100 -9.96 36.10 -4.91
N VAL A 101 -10.33 36.46 -3.68
CA VAL A 101 -9.99 37.73 -3.07
C VAL A 101 -8.85 37.49 -2.11
N VAL A 102 -7.86 38.39 -2.09
CA VAL A 102 -6.79 38.36 -1.08
C VAL A 102 -6.76 39.72 -0.37
N VAL A 103 -6.66 39.69 0.96
CA VAL A 103 -6.68 40.89 1.78
C VAL A 103 -5.34 41.02 2.49
N MET A 104 -4.71 42.18 2.36
CA MET A 104 -3.44 42.47 3.00
C MET A 104 -3.54 43.73 3.85
N GLY A 105 -2.91 43.70 5.01
CA GLY A 105 -2.57 44.93 5.69
C GLY A 105 -1.60 45.77 4.89
N ARG A 106 -1.61 47.08 5.18
CA ARG A 106 -0.77 48.02 4.45
C ARG A 106 0.71 47.67 4.60
N THR A 107 1.15 47.30 5.79
CA THR A 107 2.57 46.94 5.96
C THR A 107 2.92 45.72 5.13
N ASN A 108 2.03 44.72 5.14
CA ASN A 108 2.25 43.51 4.34
C ASN A 108 2.36 43.87 2.85
N TRP A 109 1.41 44.69 2.36
CA TRP A 109 1.46 45.12 0.97
C TRP A 109 2.77 45.82 0.65
N GLU A 110 3.26 46.67 1.55
CA GLU A 110 4.48 47.39 1.26
C GLU A 110 5.70 46.46 1.28
N SER A 111 5.62 45.30 1.95
CA SER A 111 6.75 44.39 1.98
C SER A 111 6.90 43.57 0.70
N ILE A 112 5.87 43.49 -0.12
CA ILE A 112 5.95 42.70 -1.35
C ILE A 112 6.65 43.52 -2.43
N PRO A 113 7.66 42.97 -3.10
CA PRO A 113 8.31 43.69 -4.22
C PRO A 113 7.32 44.05 -5.32
N LYS A 114 7.56 45.22 -5.93
CA LYS A 114 6.59 45.79 -6.87
C LYS A 114 6.32 44.85 -8.03
N LYS A 115 7.34 44.12 -8.52
CA LYS A 115 7.11 43.26 -9.67
C LYS A 115 6.10 42.16 -9.41
N PHE A 116 5.66 41.96 -8.18
CA PHE A 116 4.67 40.93 -7.90
C PHE A 116 3.28 41.51 -7.65
N LYS A 117 3.14 42.83 -7.66
CA LYS A 117 1.93 43.52 -7.24
C LYS A 117 1.22 44.15 -8.43
N PRO A 118 -0.11 44.08 -8.48
CA PRO A 118 -0.99 43.37 -7.54
C PRO A 118 -0.82 41.87 -7.73
N LEU A 119 -1.10 41.05 -6.72
CA LEU A 119 -0.87 39.60 -6.83
C LEU A 119 -1.67 39.03 -7.99
N SER A 120 -1.02 38.24 -8.83
CA SER A 120 -1.60 37.84 -10.10
C SER A 120 -2.81 36.93 -9.93
N ASN A 121 -3.79 37.10 -10.81
CA ASN A 121 -4.99 36.26 -10.90
C ASN A 121 -5.84 36.30 -9.64
N ARG A 122 -5.68 37.35 -8.83
CA ARG A 122 -6.44 37.51 -7.60
C ARG A 122 -6.93 38.95 -7.50
N ILE A 123 -8.09 39.10 -6.87
CA ILE A 123 -8.62 40.43 -6.56
C ILE A 123 -7.94 40.95 -5.31
N ASN A 124 -7.18 42.04 -5.44
CA ASN A 124 -6.36 42.55 -4.34
C ASN A 124 -7.10 43.59 -3.49
N VAL A 125 -7.05 43.41 -2.17
CA VAL A 125 -7.68 44.31 -1.22
C VAL A 125 -6.65 44.69 -0.16
N ILE A 126 -6.55 45.99 0.15
CA ILE A 126 -5.58 46.49 1.12
C ILE A 126 -6.30 47.26 2.22
N LEU A 127 -6.04 46.89 3.48
CA LEU A 127 -6.52 47.64 4.63
C LEU A 127 -5.55 48.77 4.98
N SER A 128 -6.08 49.98 5.11
CA SER A 128 -5.22 51.09 5.51
C SER A 128 -6.08 52.22 6.02
N ARG A 129 -5.50 52.99 6.92
CA ARG A 129 -6.04 54.30 7.28
C ARG A 129 -5.18 55.44 6.76
N THR A 130 -3.86 55.31 6.82
CA THR A 130 -3.00 56.41 6.40
C THR A 130 -2.93 56.58 4.88
N LEU A 131 -3.41 55.62 4.10
CA LEU A 131 -3.36 55.70 2.65
C LEU A 131 -4.77 55.54 2.10
N LYS A 132 -5.03 56.25 1.01
CA LYS A 132 -6.30 56.21 0.31
C LYS A 132 -6.03 55.73 -1.11
N LYS A 133 -7.11 55.53 -1.87
CA LYS A 133 -6.95 54.95 -3.20
C LYS A 133 -6.07 55.81 -4.10
N GLU A 134 -6.03 57.13 -3.86
CA GLU A 134 -5.22 58.02 -4.68
C GLU A 134 -3.74 57.73 -4.55
N ASP A 135 -3.32 57.12 -3.44
CA ASP A 135 -1.92 56.80 -3.20
C ASP A 135 -1.46 55.52 -3.90
N PHE A 136 -2.34 54.87 -4.68
CA PHE A 136 -1.99 53.62 -5.33
C PHE A 136 -2.16 53.74 -6.84
N ASP A 137 -1.14 53.31 -7.58
CA ASP A 137 -1.27 53.14 -9.02
C ASP A 137 -2.01 51.87 -9.42
N GLU A 138 -2.02 50.85 -8.57
CA GLU A 138 -2.37 49.50 -8.97
C GLU A 138 -3.88 49.28 -8.93
N ASP A 139 -4.31 48.25 -9.64
CA ASP A 139 -5.68 47.74 -9.61
C ASP A 139 -5.92 47.03 -8.28
N VAL A 140 -6.32 47.79 -7.25
CA VAL A 140 -6.55 47.29 -5.91
C VAL A 140 -7.74 48.05 -5.31
N TYR A 141 -8.43 47.41 -4.37
CA TYR A 141 -9.44 48.05 -3.53
C TYR A 141 -8.81 48.45 -2.21
N ILE A 142 -9.01 49.71 -1.80
CA ILE A 142 -8.61 50.16 -0.47
C ILE A 142 -9.82 50.16 0.44
N ILE A 143 -9.68 49.60 1.64
CA ILE A 143 -10.71 49.66 2.67
C ILE A 143 -10.07 50.12 3.97
N ASN A 144 -10.84 50.84 4.79
CA ASN A 144 -10.31 51.42 6.02
C ASN A 144 -10.93 50.84 7.28
N LYS A 145 -11.79 49.82 7.15
CA LYS A 145 -12.44 49.14 8.27
C LYS A 145 -12.66 47.71 7.84
N VAL A 146 -12.66 46.80 8.81
CA VAL A 146 -12.97 45.40 8.49
C VAL A 146 -14.41 45.28 7.98
N GLU A 147 -15.34 46.01 8.59
CA GLU A 147 -16.73 45.96 8.16
C GLU A 147 -16.87 46.28 6.67
N ASP A 148 -15.96 47.12 6.13
CA ASP A 148 -16.02 47.45 4.70
C ASP A 148 -15.63 46.26 3.82
N LEU A 149 -14.76 45.38 4.32
CA LEU A 149 -14.45 44.18 3.56
C LEU A 149 -15.71 43.35 3.33
N ILE A 150 -16.48 43.12 4.40
CA ILE A 150 -17.71 42.35 4.29
C ILE A 150 -18.66 42.98 3.29
N VAL A 151 -18.81 44.31 3.37
CA VAL A 151 -19.63 45.02 2.38
C VAL A 151 -19.11 44.76 0.98
N LEU A 152 -17.79 44.91 0.79
CA LEU A 152 -17.21 44.69 -0.53
C LEU A 152 -17.46 43.26 -1.01
N LEU A 153 -17.26 42.27 -0.12
CA LEU A 153 -17.47 40.87 -0.50
C LEU A 153 -18.90 40.63 -0.98
N GLY A 154 -19.88 41.36 -0.44
CA GLY A 154 -21.25 41.21 -0.87
C GLY A 154 -21.51 41.71 -2.29
N LYS A 155 -20.67 42.62 -2.78
CA LYS A 155 -20.83 43.19 -4.11
C LYS A 155 -20.02 42.48 -5.17
N LEU A 156 -18.95 41.78 -4.80
CA LEU A 156 -18.06 41.13 -5.75
C LEU A 156 -18.51 39.71 -6.11
N ASN A 157 -18.15 39.28 -7.32
CA ASN A 157 -18.13 37.87 -7.68
C ASN A 157 -16.73 37.32 -7.45
N TYR A 158 -16.61 36.31 -6.57
CA TYR A 158 -15.32 35.73 -6.24
C TYR A 158 -15.55 34.34 -5.66
N TYR A 159 -14.50 33.51 -5.70
CA TYR A 159 -14.60 32.16 -5.16
C TYR A 159 -14.36 32.15 -3.65
N LYS A 160 -13.13 32.44 -3.21
CA LYS A 160 -12.83 32.45 -1.79
C LYS A 160 -12.09 33.73 -1.43
N CYS A 161 -12.06 34.03 -0.13
CA CYS A 161 -11.39 35.20 0.41
C CYS A 161 -10.30 34.74 1.37
N PHE A 162 -9.05 35.08 1.07
CA PHE A 162 -7.91 34.70 1.88
C PHE A 162 -7.29 35.94 2.53
N ILE A 163 -7.18 35.92 3.86
CA ILE A 163 -6.47 36.95 4.63
C ILE A 163 -4.98 36.59 4.65
N LEU A 164 -4.13 37.52 4.19
CA LEU A 164 -2.72 37.24 3.98
C LEU A 164 -1.82 37.83 5.04
N GLY A 165 -2.38 38.39 6.12
CA GLY A 165 -1.56 39.07 7.12
C GLY A 165 -1.37 40.53 6.78
N GLY A 166 -0.50 41.20 7.54
CA GLY A 166 0.36 40.73 8.60
C GLY A 166 -0.29 40.46 9.95
N SER A 167 0.52 40.60 11.02
CA SER A 167 0.07 40.16 12.33
C SER A 167 -1.16 40.94 12.81
N VAL A 168 -1.17 42.25 12.58
CA VAL A 168 -2.34 43.05 12.99
C VAL A 168 -3.59 42.55 12.30
N VAL A 169 -3.50 42.31 10.98
CA VAL A 169 -4.66 41.82 10.25
C VAL A 169 -5.08 40.46 10.77
N TYR A 170 -4.11 39.55 10.98
CA TYR A 170 -4.45 38.23 11.54
C TYR A 170 -5.18 38.37 12.86
N GLN A 171 -4.64 39.18 13.77
CA GLN A 171 -5.19 39.23 15.12
C GLN A 171 -6.64 39.71 15.12
N GLU A 172 -6.93 40.77 14.37
CA GLU A 172 -8.28 41.32 14.41
C GLU A 172 -9.28 40.42 13.67
N PHE A 173 -8.84 39.68 12.67
CA PHE A 173 -9.74 38.75 12.00
C PHE A 173 -10.00 37.51 12.83
N LEU A 174 -9.03 37.09 13.65
CA LEU A 174 -9.29 36.01 14.60
C LEU A 174 -10.22 36.48 15.71
N GLU A 175 -9.89 37.64 16.32
CA GLU A 175 -10.71 38.17 17.41
C GLU A 175 -12.15 38.37 16.96
N LYS A 176 -12.36 38.84 15.74
CA LYS A 176 -13.71 39.01 15.25
C LYS A 176 -14.36 37.69 14.87
N LYS A 177 -13.66 36.57 15.07
CA LYS A 177 -14.16 35.23 14.74
C LYS A 177 -14.56 35.12 13.28
N LEU A 178 -13.79 35.78 12.41
CA LEU A 178 -14.09 35.84 10.98
C LEU A 178 -13.29 34.83 10.14
N ILE A 179 -12.53 33.93 10.75
CA ILE A 179 -11.67 33.02 10.02
C ILE A 179 -12.25 31.61 10.14
N LYS A 180 -12.53 31.00 8.99
CA LYS A 180 -13.13 29.68 8.91
C LYS A 180 -12.10 28.55 8.99
N LYS A 181 -10.92 28.76 8.42
CA LYS A 181 -9.81 27.82 8.46
C LYS A 181 -8.51 28.59 8.33
N ILE A 182 -7.46 28.08 8.97
CA ILE A 182 -6.13 28.66 8.93
C ILE A 182 -5.23 27.69 8.18
N TYR A 183 -4.74 28.12 7.03
CA TYR A 183 -3.74 27.36 6.29
C TYR A 183 -2.39 27.83 6.79
N PHE A 184 -1.71 26.96 7.51
CA PHE A 184 -0.57 27.33 8.34
C PHE A 184 0.62 26.51 7.91
N THR A 185 1.64 27.17 7.39
CA THR A 185 2.90 26.53 7.05
C THR A 185 3.79 26.55 8.28
N ARG A 186 4.32 25.39 8.66
CA ARG A 186 5.29 25.33 9.74
C ARG A 186 6.68 25.31 9.14
N ILE A 187 7.41 26.41 9.31
CA ILE A 187 8.79 26.55 8.84
C ILE A 187 9.70 26.05 9.95
N ASN A 188 10.38 24.93 9.73
CA ASN A 188 11.08 24.29 10.84
C ASN A 188 12.54 24.75 10.92
N SER A 189 12.69 26.05 11.19
CA SER A 189 13.99 26.65 11.44
C SER A 189 13.76 27.95 12.21
N THR A 190 14.84 28.49 12.76
CA THR A 190 14.77 29.62 13.68
C THR A 190 15.30 30.89 13.00
N TYR A 191 14.56 31.99 13.15
CA TYR A 191 14.98 33.27 12.61
C TYR A 191 14.64 34.39 13.60
N GLU A 192 15.35 35.51 13.44
CA GLU A 192 15.04 36.71 14.20
C GLU A 192 13.68 37.27 13.76
N CYS A 193 12.80 37.51 14.74
CA CYS A 193 11.46 38.00 14.43
C CYS A 193 11.05 39.11 15.38
N ASP A 194 10.21 40.03 14.87
CA ASP A 194 9.63 41.09 15.70
C ASP A 194 8.11 41.14 15.69
N VAL A 195 7.44 40.41 14.77
CA VAL A 195 5.99 40.27 14.82
C VAL A 195 5.65 38.79 14.73
N PHE A 196 4.51 38.42 15.31
CA PHE A 196 4.18 37.05 15.63
C PHE A 196 2.72 36.76 15.35
N PHE A 197 2.45 35.57 14.80
CA PHE A 197 1.09 35.12 14.65
C PHE A 197 0.46 34.99 16.03
N PRO A 198 -0.83 35.28 16.17
CA PRO A 198 -1.47 35.15 17.49
C PRO A 198 -1.44 33.71 17.95
N GLU A 199 -1.42 33.52 19.27
CA GLU A 199 -1.58 32.18 19.81
C GLU A 199 -2.97 31.64 19.47
N ILE A 200 -3.02 30.42 18.97
CA ILE A 200 -4.29 29.85 18.51
C ILE A 200 -4.96 29.14 19.67
N ASN A 201 -6.26 29.34 19.82
CA ASN A 201 -6.99 28.70 20.90
C ASN A 201 -7.41 27.29 20.48
N GLU A 202 -6.88 26.28 21.21
CA GLU A 202 -7.28 24.90 20.98
C GLU A 202 -8.78 24.71 21.11
N ASN A 203 -9.44 25.51 21.95
CA ASN A 203 -10.89 25.41 22.09
C ASN A 203 -11.62 26.02 20.90
N GLU A 204 -10.97 26.93 20.17
CA GLU A 204 -11.58 27.62 19.04
C GLU A 204 -11.26 27.00 17.70
N TYR A 205 -10.06 26.46 17.55
CA TYR A 205 -9.59 25.89 16.29
C TYR A 205 -8.88 24.58 16.59
N GLN A 206 -9.04 23.60 15.69
CA GLN A 206 -8.32 22.34 15.81
C GLN A 206 -7.75 21.91 14.46
N ILE A 207 -6.58 21.27 14.51
CA ILE A 207 -5.93 20.75 13.32
C ILE A 207 -6.78 19.65 12.72
N ILE A 208 -7.06 19.74 11.42
CA ILE A 208 -7.82 18.71 10.73
C ILE A 208 -7.00 17.98 9.67
N SER A 209 -5.94 18.58 9.15
CA SER A 209 -5.15 17.93 8.11
C SER A 209 -3.71 18.34 8.26
N VAL A 210 -2.81 17.41 7.91
CA VAL A 210 -1.38 17.63 7.97
C VAL A 210 -0.75 17.04 6.71
N SER A 211 0.18 17.79 6.13
CA SER A 211 0.72 17.46 4.83
C SER A 211 1.96 16.58 4.96
N ASP A 212 2.48 16.13 3.81
CA ASP A 212 3.81 15.56 3.74
C ASP A 212 4.83 16.59 4.23
N VAL A 213 6.02 16.11 4.60
CA VAL A 213 7.14 16.96 5.00
C VAL A 213 8.04 17.18 3.79
N TYR A 214 8.52 18.40 3.63
CA TYR A 214 9.35 18.75 2.50
C TYR A 214 10.61 19.47 2.99
N THR A 215 11.60 19.55 2.11
CA THR A 215 12.75 20.44 2.29
C THR A 215 12.74 21.51 1.20
N SER A 216 12.94 22.76 1.60
CA SER A 216 13.05 23.84 0.64
C SER A 216 14.05 24.84 1.17
N ASN A 217 15.06 25.20 0.38
CA ASN A 217 16.03 26.21 0.80
C ASN A 217 16.63 25.88 2.16
N ASN A 218 17.06 24.62 2.34
CA ASN A 218 17.79 24.19 3.54
C ASN A 218 16.96 24.27 4.82
N THR A 219 15.63 24.15 4.74
CA THR A 219 14.83 23.96 5.93
C THR A 219 13.73 22.96 5.63
N THR A 220 13.30 22.23 6.66
CA THR A 220 12.12 21.45 6.40
C THR A 220 10.88 22.27 6.75
N LEU A 221 9.75 21.83 6.23
CA LEU A 221 8.49 22.51 6.48
C LEU A 221 7.37 21.54 6.15
N ASP A 222 6.20 21.78 6.75
CA ASP A 222 4.99 21.12 6.34
C ASP A 222 3.85 22.13 6.38
N PHE A 223 2.67 21.66 5.99
CA PHE A 223 1.50 22.51 5.81
C PHE A 223 0.37 21.84 6.56
N ILE A 224 -0.25 22.57 7.48
CA ILE A 224 -1.35 22.04 8.26
C ILE A 224 -2.54 22.98 8.09
N ILE A 225 -3.72 22.45 8.41
CA ILE A 225 -4.98 23.17 8.27
C ILE A 225 -5.68 23.11 9.62
N TYR A 226 -5.97 24.28 10.18
CA TYR A 226 -6.84 24.38 11.35
C TYR A 226 -8.26 24.64 10.88
N LYS A 227 -9.21 24.02 11.56
CA LYS A 227 -10.62 24.25 11.29
C LYS A 227 -11.27 24.86 12.52
N LYS A 228 -12.20 25.78 12.31
CA LYS A 228 -12.93 26.35 13.42
C LYS A 228 -13.80 25.27 14.07
N THR A 229 -13.79 25.20 15.39
CA THR A 229 -14.53 24.16 16.10
C THR A 229 -15.98 24.57 16.33
N ASP A 284 -22.58 7.77 -10.48
CA ASP A 284 -23.61 7.25 -9.57
C ASP A 284 -23.84 5.76 -9.80
N GLU A 285 -23.78 5.35 -11.07
CA GLU A 285 -23.81 3.92 -11.37
C GLU A 285 -22.71 3.22 -10.60
N GLU A 286 -21.47 3.73 -10.74
CA GLU A 286 -20.30 3.18 -10.09
C GLU A 286 -20.26 3.48 -8.59
N GLU A 287 -21.11 4.40 -8.11
CA GLU A 287 -21.23 4.58 -6.68
C GLU A 287 -21.95 3.40 -6.04
N ASP A 288 -23.09 3.00 -6.62
CA ASP A 288 -23.79 1.82 -6.13
C ASP A 288 -22.94 0.56 -6.33
N ASP A 289 -22.23 0.47 -7.46
CA ASP A 289 -21.38 -0.69 -7.72
C ASP A 289 -20.35 -0.87 -6.60
N PHE A 290 -19.82 0.24 -6.08
CA PHE A 290 -18.88 0.16 -4.96
C PHE A 290 -19.51 -0.52 -3.76
N VAL A 291 -20.76 -0.15 -3.45
CA VAL A 291 -21.48 -0.82 -2.37
C VAL A 291 -21.60 -2.30 -2.65
N TYR A 292 -21.90 -2.67 -3.89
CA TYR A 292 -22.07 -4.08 -4.22
C TYR A 292 -20.80 -4.86 -3.91
N PHE A 293 -19.64 -4.34 -4.34
CA PHE A 293 -18.40 -5.07 -4.14
C PHE A 293 -17.97 -5.14 -2.68
N ASN A 294 -18.55 -4.33 -1.80
CA ASN A 294 -18.29 -4.44 -0.36
C ASN A 294 -19.28 -5.35 0.36
N PHE A 295 -20.04 -6.15 -0.37
CA PHE A 295 -21.12 -6.95 0.23
C PHE A 295 -20.64 -7.98 1.24
N ASN A 296 -19.34 -8.30 1.27
CA ASN A 296 -18.84 -9.35 2.15
C ASN A 296 -17.93 -8.82 3.25
N LYS A 297 -17.90 -7.50 3.46
CA LYS A 297 -17.23 -6.91 4.61
C LYS A 297 -18.17 -6.98 5.81
N GLU A 298 -17.82 -7.80 6.81
CA GLU A 298 -18.70 -8.08 7.95
C GLU A 298 -19.06 -6.82 8.75
N LYS A 304 -12.24 -5.22 16.27
CA LYS A 304 -12.34 -6.51 16.95
C LYS A 304 -11.78 -6.48 18.37
N ASN A 305 -10.52 -6.06 18.50
CA ASN A 305 -9.89 -5.98 19.81
C ASN A 305 -10.58 -4.92 20.67
N SER A 306 -10.43 -5.10 21.99
CA SER A 306 -11.21 -4.34 22.99
C SER A 306 -10.65 -2.92 23.14
N ILE A 307 -10.77 -2.16 22.06
CA ILE A 307 -10.28 -0.78 22.04
C ILE A 307 -11.45 0.14 21.72
N HIS A 308 -11.64 1.15 22.58
CA HIS A 308 -12.79 2.03 22.54
C HIS A 308 -12.64 3.09 21.45
N PRO A 309 -13.77 3.67 20.98
CA PRO A 309 -13.69 4.72 19.95
C PRO A 309 -12.89 5.93 20.41
N ASN A 310 -13.37 6.61 21.45
CA ASN A 310 -12.77 7.86 21.91
C ASN A 310 -11.33 7.73 22.34
N ASP A 311 -10.83 6.49 22.47
CA ASP A 311 -9.41 6.30 22.74
C ASP A 311 -8.55 6.85 21.63
N PHE A 312 -9.09 6.95 20.40
CA PHE A 312 -8.38 7.53 19.27
C PHE A 312 -9.14 8.73 18.70
N GLN A 313 -9.64 9.60 19.59
CA GLN A 313 -10.51 10.69 19.15
C GLN A 313 -9.75 11.65 18.24
N ILE A 314 -8.60 12.14 18.69
CA ILE A 314 -7.81 13.07 17.90
C ILE A 314 -7.34 12.41 16.62
N TYR A 315 -6.83 11.18 16.72
CA TYR A 315 -6.28 10.47 15.56
C TYR A 315 -7.33 10.27 14.47
N ASN A 316 -8.56 9.95 14.85
CA ASN A 316 -9.60 9.74 13.85
C ASN A 316 -10.31 11.01 13.45
N SER A 317 -10.09 12.12 14.16
CA SER A 317 -10.67 13.39 13.74
C SER A 317 -9.99 13.94 12.49
N LEU A 318 -8.69 13.68 12.32
CA LEU A 318 -7.95 14.23 11.20
C LEU A 318 -8.49 13.72 9.87
N LYS A 319 -8.61 14.64 8.90
CA LYS A 319 -9.08 14.25 7.57
C LYS A 319 -7.94 13.72 6.71
N TYR A 320 -6.88 14.50 6.56
CA TYR A 320 -5.74 14.08 5.75
C TYR A 320 -4.52 13.93 6.65
N LYS A 321 -3.95 12.71 6.66
CA LYS A 321 -2.81 12.37 7.49
C LYS A 321 -1.69 11.97 6.54
N TYR A 322 -1.03 12.97 5.97
CA TYR A 322 -0.02 12.72 4.96
C TYR A 322 1.39 12.88 5.49
N HIS A 323 1.53 13.32 6.73
CA HIS A 323 2.84 13.38 7.36
C HIS A 323 3.43 11.97 7.37
N PRO A 324 4.69 11.79 6.93
CA PRO A 324 5.22 10.43 6.80
C PRO A 324 5.27 9.68 8.12
N GLU A 325 5.20 10.37 9.27
CA GLU A 325 5.15 9.68 10.54
C GLU A 325 3.88 8.86 10.68
N TYR A 326 2.84 9.15 9.88
CA TYR A 326 1.66 8.31 9.94
C TYR A 326 1.86 6.92 9.32
N GLN A 327 2.95 6.69 8.59
CA GLN A 327 3.19 5.31 8.15
C GLN A 327 3.43 4.41 9.36
N TYR A 328 4.16 4.93 10.34
CA TYR A 328 4.37 4.23 11.60
C TYR A 328 3.10 4.22 12.44
N LEU A 329 2.51 5.39 12.67
CA LEU A 329 1.32 5.47 13.51
C LEU A 329 0.17 4.64 12.96
N ASN A 330 -0.02 4.60 11.63
CA ASN A 330 -1.12 3.81 11.05
C ASN A 330 -0.91 2.31 11.22
N ILE A 331 0.34 1.86 11.23
CA ILE A 331 0.63 0.45 11.45
C ILE A 331 0.30 0.05 12.88
N ILE A 332 0.66 0.90 13.84
CA ILE A 332 0.29 0.65 15.23
C ILE A 332 -1.21 0.55 15.37
N TYR A 333 -1.95 1.46 14.72
CA TYR A 333 -3.40 1.44 14.79
C TYR A 333 -3.97 0.17 14.21
N ASP A 334 -3.42 -0.26 13.06
CA ASP A 334 -3.88 -1.48 12.41
C ASP A 334 -3.67 -2.70 13.31
N ILE A 335 -2.52 -2.79 13.95
CA ILE A 335 -2.28 -3.91 14.87
C ILE A 335 -3.24 -3.85 16.07
N MET A 336 -3.47 -2.65 16.62
CA MET A 336 -4.40 -2.53 17.76
C MET A 336 -5.82 -2.92 17.36
N MET A 337 -6.27 -2.47 16.18
CA MET A 337 -7.63 -2.79 15.74
C MET A 337 -7.78 -4.22 15.21
N ASN A 338 -6.80 -4.69 14.44
CA ASN A 338 -6.96 -5.97 13.75
C ASN A 338 -5.89 -7.00 14.10
N GLY A 339 -4.99 -6.70 15.03
CA GLY A 339 -3.91 -7.61 15.33
C GLY A 339 -4.39 -8.90 16.00
N ASN A 340 -3.53 -9.91 15.94
CA ASN A 340 -3.81 -11.24 16.46
C ASN A 340 -3.21 -11.34 17.86
N LYS A 341 -4.00 -11.80 18.83
CA LYS A 341 -3.52 -11.97 20.18
C LYS A 341 -2.64 -13.22 20.23
N GLN A 342 -1.38 -13.06 20.65
CA GLN A 342 -0.45 -14.18 20.64
C GLN A 342 0.41 -14.11 21.88
N SER A 343 0.91 -15.28 22.26
CA SER A 343 1.98 -15.37 23.23
C SER A 343 3.32 -15.09 22.52
N ASP A 344 4.36 -14.91 23.32
CA ASP A 344 5.67 -14.68 22.73
C ASP A 344 6.75 -15.14 23.69
N ARG A 345 7.99 -15.13 23.19
CA ARG A 345 9.14 -15.65 23.91
C ARG A 345 9.30 -14.99 25.28
N THR A 346 8.86 -13.74 25.43
CA THR A 346 9.04 -12.97 26.67
C THR A 346 7.95 -13.25 27.72
N GLY A 347 6.80 -13.79 27.30
CA GLY A 347 5.66 -13.96 28.20
C GLY A 347 4.74 -12.77 28.35
N VAL A 348 5.12 -11.59 27.86
CA VAL A 348 4.25 -10.43 27.95
C VAL A 348 2.98 -10.64 27.11
N GLY A 349 3.12 -11.30 25.96
CA GLY A 349 2.00 -11.35 25.04
C GLY A 349 1.94 -10.11 24.16
N VAL A 350 1.41 -10.26 22.95
CA VAL A 350 1.45 -9.23 21.93
C VAL A 350 0.15 -9.23 21.16
N LEU A 351 -0.06 -8.13 20.44
CA LEU A 351 -0.87 -8.14 19.24
C LEU A 351 0.10 -8.08 18.06
N SER A 352 -0.14 -8.91 17.05
CA SER A 352 0.82 -9.07 15.96
C SER A 352 0.09 -9.09 14.63
N LYS A 353 0.79 -8.65 13.59
CA LYS A 353 0.42 -8.83 12.19
C LYS A 353 1.68 -9.20 11.41
N PHE A 354 1.55 -9.42 10.10
CA PHE A 354 2.63 -10.03 9.32
C PHE A 354 2.69 -9.33 7.96
N GLY A 355 3.76 -8.56 7.74
CA GLY A 355 4.03 -7.96 6.44
C GLY A 355 3.60 -6.51 6.26
N TYR A 356 4.54 -5.58 6.42
CA TYR A 356 4.26 -4.16 6.16
C TYR A 356 5.46 -3.55 5.47
N ILE A 357 5.20 -2.43 4.78
CA ILE A 357 6.27 -1.66 4.16
C ILE A 357 6.06 -0.19 4.50
N MET A 358 7.13 0.46 4.91
CA MET A 358 7.15 1.91 5.09
C MET A 358 8.23 2.48 4.18
N LYS A 359 8.00 3.70 3.67
CA LYS A 359 8.96 4.40 2.82
C LYS A 359 9.17 5.82 3.31
N PHE A 360 10.42 6.20 3.50
CA PHE A 360 10.80 7.52 3.97
C PHE A 360 11.74 8.15 2.96
N ASP A 361 11.46 9.41 2.59
CA ASP A 361 12.24 10.13 1.58
C ASP A 361 13.37 10.89 2.27
N LEU A 362 14.55 10.28 2.33
CA LEU A 362 15.66 10.92 3.02
C LEU A 362 16.12 12.21 2.35
N SER A 363 15.80 12.44 1.07
CA SER A 363 16.15 13.73 0.47
C SER A 363 15.33 14.89 1.02
N GLN A 364 14.16 14.62 1.61
CA GLN A 364 13.24 15.65 2.10
C GLN A 364 13.22 15.84 3.62
N TYR A 365 13.70 14.88 4.41
CA TYR A 365 13.68 14.96 5.88
C TYR A 365 14.45 13.79 6.46
N PHE A 366 14.80 13.91 7.74
CA PHE A 366 15.31 12.78 8.49
C PHE A 366 14.19 12.25 9.37
N PRO A 367 13.73 10.98 9.20
CA PRO A 367 12.49 10.53 9.87
C PRO A 367 12.71 10.09 11.33
N LEU A 368 13.11 11.04 12.15
CA LEU A 368 13.12 10.81 13.59
C LEU A 368 11.74 11.13 14.16
N LEU A 369 11.08 10.12 14.72
CA LEU A 369 9.70 10.30 15.16
C LEU A 369 9.54 11.51 16.07
N THR A 370 8.45 12.26 15.86
CA THR A 370 8.20 13.47 16.62
C THR A 370 7.08 13.31 17.64
N THR A 371 6.29 12.23 17.58
CA THR A 371 5.20 12.12 18.56
C THR A 371 5.67 11.63 19.91
N LYS A 372 6.98 11.48 20.11
CA LYS A 372 7.59 11.25 21.41
C LYS A 372 9.06 11.54 21.25
N LYS A 373 9.75 11.74 22.37
CA LYS A 373 11.14 12.16 22.32
C LYS A 373 12.05 10.94 22.14
N LEU A 374 12.93 11.03 21.14
CA LEU A 374 13.94 10.03 20.86
C LEU A 374 15.32 10.66 20.96
N PHE A 375 16.28 9.87 21.41
CA PHE A 375 17.68 10.25 21.49
C PHE A 375 18.46 9.40 20.49
N LEU A 376 19.50 9.99 19.89
CA LEU A 376 20.24 9.30 18.84
C LEU A 376 21.68 8.95 19.19
N ARG A 377 22.21 9.42 20.33
CA ARG A 377 23.63 9.19 20.62
C ARG A 377 23.95 7.70 20.71
N GLY A 378 23.11 6.94 21.40
CA GLY A 378 23.33 5.51 21.53
C GLY A 378 23.26 4.77 20.20
N ILE A 379 22.22 5.03 19.40
CA ILE A 379 22.10 4.22 18.20
C ILE A 379 23.18 4.59 17.20
N ILE A 380 23.68 5.83 17.25
CA ILE A 380 24.85 6.16 16.44
C ILE A 380 26.07 5.38 16.93
N GLU A 381 26.30 5.39 18.24
CA GLU A 381 27.45 4.65 18.76
C GLU A 381 27.29 3.15 18.48
N GLU A 382 26.05 2.63 18.54
CA GLU A 382 25.82 1.24 18.17
C GLU A 382 26.18 0.99 16.70
N LEU A 383 25.79 1.92 15.82
CA LEU A 383 26.08 1.77 14.41
C LEU A 383 27.58 1.86 14.12
N LEU A 384 28.30 2.73 14.82
CA LEU A 384 29.75 2.81 14.64
C LEU A 384 30.44 1.57 15.18
N TRP A 385 29.92 1.04 16.27
CA TRP A 385 30.40 -0.23 16.82
C TRP A 385 30.18 -1.37 15.82
N PHE A 386 29.01 -1.43 15.18
CA PHE A 386 28.78 -2.41 14.11
C PHE A 386 29.86 -2.33 13.05
N ILE A 387 30.08 -1.11 12.53
CA ILE A 387 30.95 -0.93 11.36
C ILE A 387 32.38 -1.31 11.71
N ARG A 388 32.80 -1.05 12.94
CA ARG A 388 34.11 -1.52 13.38
C ARG A 388 34.20 -3.04 13.48
N GLY A 389 33.08 -3.76 13.36
CA GLY A 389 33.11 -5.22 13.50
C GLY A 389 33.14 -5.73 14.92
N GLU A 390 32.90 -4.86 15.91
CA GLU A 390 33.01 -5.24 17.31
C GLU A 390 31.86 -6.12 17.77
N THR A 391 32.16 -6.97 18.73
CA THR A 391 31.16 -7.76 19.43
C THR A 391 31.29 -7.60 20.94
N ASN A 392 32.14 -6.68 21.41
CA ASN A 392 32.41 -6.49 22.84
C ASN A 392 31.40 -5.49 23.42
N GLY A 393 30.44 -6.00 24.19
CA GLY A 393 29.47 -5.12 24.84
C GLY A 393 30.07 -4.10 25.80
N ASN A 394 31.24 -4.41 26.38
CA ASN A 394 31.88 -3.43 27.27
C ASN A 394 32.17 -2.11 26.54
N THR A 395 32.49 -2.18 25.24
CA THR A 395 32.79 -0.96 24.49
C THR A 395 31.62 0.01 24.54
N LEU A 396 30.39 -0.48 24.33
CA LEU A 396 29.21 0.37 24.45
C LEU A 396 28.97 0.81 25.89
N LEU A 397 29.07 -0.13 26.85
CA LEU A 397 28.84 0.22 28.25
C LEU A 397 29.77 1.33 28.72
N ASN A 398 31.02 1.34 28.27
CA ASN A 398 31.97 2.37 28.66
C ASN A 398 31.64 3.73 28.05
N LYS A 399 30.80 3.77 27.02
CA LYS A 399 30.22 4.99 26.49
C LYS A 399 28.83 5.25 27.08
N ASN A 400 28.50 4.55 28.17
CA ASN A 400 27.19 4.66 28.80
C ASN A 400 26.06 4.44 27.80
N VAL A 401 26.25 3.46 26.92
CA VAL A 401 25.22 2.98 26.01
C VAL A 401 24.85 1.56 26.44
N ARG A 402 23.60 1.37 26.84
CA ARG A 402 23.15 0.15 27.50
C ARG A 402 22.22 -0.67 26.63
N ILE A 403 22.22 -0.43 25.32
CA ILE A 403 21.30 -1.12 24.42
C ILE A 403 21.46 -2.64 24.53
N TRP A 404 22.71 -3.12 24.64
CA TRP A 404 23.03 -4.54 24.63
C TRP A 404 23.35 -5.11 26.01
N GLU A 405 23.16 -4.32 27.08
CA GLU A 405 23.58 -4.75 28.42
C GLU A 405 22.83 -6.01 28.86
N ALA A 406 21.51 -6.04 28.71
CA ALA A 406 20.74 -7.18 29.19
C ALA A 406 21.05 -8.47 28.42
N ASN A 407 21.49 -8.34 27.16
CA ASN A 407 21.82 -9.54 26.39
C ASN A 407 23.22 -10.06 26.67
N GLY A 408 24.01 -9.37 27.49
CA GLY A 408 25.35 -9.83 27.79
C GLY A 408 25.57 -10.33 29.20
N THR A 409 24.53 -10.38 30.05
CA THR A 409 24.77 -10.78 31.42
C THR A 409 25.06 -12.28 31.51
N ARG A 410 25.69 -12.66 32.62
CA ARG A 410 25.92 -14.08 32.89
C ARG A 410 24.62 -14.87 32.76
N GLU A 411 23.55 -14.39 33.39
CA GLU A 411 22.29 -15.14 33.41
C GLU A 411 21.72 -15.30 32.01
N PHE A 412 21.74 -14.21 31.23
CA PHE A 412 21.22 -14.26 29.87
C PHE A 412 22.01 -15.23 29.02
N LEU A 413 23.34 -15.14 29.09
CA LEU A 413 24.18 -16.03 28.27
C LEU A 413 24.02 -17.48 28.68
N ASP A 414 23.94 -17.75 29.99
CA ASP A 414 23.67 -19.12 30.46
C ASP A 414 22.33 -19.62 29.95
N ASN A 415 21.30 -18.78 29.98
CA ASN A 415 20.01 -19.25 29.44
C ASN A 415 20.07 -19.48 27.94
N ARG A 416 21.00 -18.81 27.24
CA ARG A 416 21.25 -19.14 25.84
C ARG A 416 22.12 -20.37 25.70
N LYS A 417 22.43 -21.03 26.81
CA LYS A 417 23.36 -22.17 26.83
C LYS A 417 24.76 -21.78 26.37
N LEU A 418 25.13 -20.51 26.49
CA LEU A 418 26.47 -20.04 26.14
C LEU A 418 27.36 -19.98 27.39
N PHE A 419 27.51 -21.16 28.03
CA PHE A 419 28.16 -21.22 29.33
C PHE A 419 29.65 -20.84 29.25
N HIS A 420 30.29 -21.05 28.11
CA HIS A 420 31.71 -20.75 27.99
C HIS A 420 31.93 -19.36 27.40
N ARG A 421 30.98 -18.46 27.57
CA ARG A 421 31.06 -17.11 27.00
C ARG A 421 31.24 -16.10 28.13
N GLU A 422 32.30 -15.29 28.04
CA GLU A 422 32.53 -14.19 28.97
C GLU A 422 31.36 -13.19 28.94
N VAL A 423 31.10 -12.58 30.11
CA VAL A 423 30.06 -11.55 30.22
C VAL A 423 30.32 -10.45 29.21
N ASN A 424 29.25 -10.03 28.53
CA ASN A 424 29.26 -8.99 27.49
C ASN A 424 29.99 -9.41 26.22
N ASP A 425 30.36 -10.68 26.08
CA ASP A 425 30.86 -11.16 24.81
C ASP A 425 29.63 -11.67 24.04
N LEU A 426 29.12 -10.84 23.11
CA LEU A 426 27.83 -11.10 22.49
C LEU A 426 27.90 -12.14 21.38
N GLY A 427 29.10 -12.54 20.98
CA GLY A 427 29.27 -13.56 19.98
C GLY A 427 29.21 -12.96 18.58
N PRO A 428 29.02 -13.80 17.56
CA PRO A 428 29.12 -13.37 16.14
C PRO A 428 27.87 -12.68 15.62
N ILE A 429 27.61 -11.47 16.12
CA ILE A 429 26.38 -10.72 15.90
C ILE A 429 26.70 -9.69 14.83
N TYR A 430 25.78 -8.75 14.57
CA TYR A 430 25.88 -7.86 13.41
C TYR A 430 27.29 -7.43 12.99
N GLY A 431 28.05 -6.81 13.88
CA GLY A 431 29.34 -6.28 13.45
C GLY A 431 30.24 -7.35 12.87
N PHE A 432 30.29 -8.52 13.52
CA PHE A 432 31.10 -9.64 13.06
C PHE A 432 30.64 -10.15 11.70
N GLN A 433 29.32 -10.26 11.50
CA GLN A 433 28.82 -10.71 10.20
C GLN A 433 29.07 -9.68 9.10
N TRP A 434 28.99 -8.39 9.42
CA TRP A 434 29.25 -7.36 8.41
C TRP A 434 30.71 -7.36 7.95
N ARG A 435 31.66 -7.61 8.84
CA ARG A 435 33.06 -7.57 8.45
C ARG A 435 33.71 -8.95 8.28
N HIS A 436 33.08 -10.05 8.80
CA HIS A 436 33.79 -11.32 8.86
C HIS A 436 32.90 -12.54 8.63
N PHE A 437 31.81 -12.40 7.86
CA PHE A 437 30.86 -13.50 7.68
C PHE A 437 31.59 -14.77 7.28
N GLY A 438 31.31 -15.85 8.01
CA GLY A 438 31.86 -17.14 7.71
C GLY A 438 33.11 -17.49 8.49
N ALA A 439 33.76 -16.51 9.11
CA ALA A 439 34.90 -16.79 9.98
C ALA A 439 34.44 -17.49 11.25
N GLU A 440 35.33 -18.33 11.81
CA GLU A 440 34.99 -19.01 13.06
C GLU A 440 35.13 -17.99 14.20
N TYR A 441 34.06 -17.78 14.94
CA TYR A 441 34.14 -16.88 16.10
C TYR A 441 34.89 -17.58 17.22
N THR A 442 35.81 -16.85 17.87
CA THR A 442 36.48 -17.37 19.06
C THR A 442 36.10 -16.61 20.32
N ASN A 443 36.54 -15.34 20.47
CA ASN A 443 36.08 -14.47 21.54
C ASN A 443 36.11 -13.02 21.04
N MET A 444 35.55 -12.12 21.84
CA MET A 444 35.39 -10.72 21.44
C MET A 444 36.71 -9.98 21.34
N TYR A 445 37.78 -10.52 21.90
CA TYR A 445 39.08 -9.88 21.83
C TYR A 445 39.94 -10.37 20.68
N ASP A 446 39.47 -11.30 19.86
CA ASP A 446 40.38 -11.88 18.89
C ASP A 446 40.62 -10.89 17.74
N ASN A 447 41.72 -11.12 17.03
CA ASN A 447 42.06 -10.36 15.83
C ASN A 447 41.53 -11.13 14.64
N TYR A 448 40.48 -10.61 14.02
CA TYR A 448 39.82 -11.31 12.91
C TYR A 448 40.21 -10.78 11.54
N GLU A 449 41.21 -9.89 11.45
CA GLU A 449 41.50 -9.23 10.18
C GLU A 449 41.75 -10.26 9.08
N ASN A 450 41.11 -10.02 7.93
CA ASN A 450 41.16 -10.88 6.75
C ASN A 450 40.58 -12.27 6.97
N LYS A 451 39.73 -12.44 7.98
CA LYS A 451 38.97 -13.67 8.17
C LYS A 451 37.53 -13.43 7.74
N GLY A 452 36.97 -14.35 6.97
CA GLY A 452 35.58 -14.25 6.59
C GLY A 452 35.37 -13.21 5.52
N VAL A 453 34.11 -13.03 5.14
CA VAL A 453 33.79 -12.12 4.07
C VAL A 453 33.47 -10.76 4.65
N ASP A 454 34.19 -9.74 4.18
CA ASP A 454 33.92 -8.35 4.58
C ASP A 454 32.84 -7.79 3.64
N GLN A 455 31.59 -8.14 3.95
CA GLN A 455 30.51 -7.78 3.04
C GLN A 455 30.26 -6.27 3.03
N LEU A 456 30.58 -5.57 4.11
CA LEU A 456 30.45 -4.13 4.09
C LEU A 456 31.34 -3.51 3.04
N LYS A 457 32.61 -3.92 3.00
CA LYS A 457 33.52 -3.44 1.97
C LYS A 457 33.04 -3.82 0.58
N ASN A 458 32.52 -5.05 0.42
CA ASN A 458 32.09 -5.50 -0.89
C ASN A 458 30.91 -4.66 -1.40
N ILE A 459 29.95 -4.31 -0.53
CA ILE A 459 28.80 -3.61 -1.09
C ILE A 459 29.15 -2.15 -1.39
N ILE A 460 30.07 -1.55 -0.64
CA ILE A 460 30.55 -0.22 -1.01
C ILE A 460 31.24 -0.26 -2.37
N ASN A 461 32.05 -1.30 -2.61
CA ASN A 461 32.70 -1.43 -3.92
C ASN A 461 31.68 -1.72 -5.03
N LEU A 462 30.65 -2.51 -4.75
CA LEU A 462 29.60 -2.71 -5.73
C LEU A 462 28.87 -1.40 -6.04
N ILE A 463 28.59 -0.60 -5.01
CA ILE A 463 27.85 0.64 -5.24
C ILE A 463 28.69 1.60 -6.10
N LYS A 464 30.01 1.65 -5.88
CA LYS A 464 30.85 2.57 -6.66
C LYS A 464 31.10 2.07 -8.08
N ASN A 465 31.33 0.76 -8.26
CA ASN A 465 31.85 0.25 -9.52
C ASN A 465 30.85 -0.55 -10.35
N ASP A 466 29.75 -0.99 -9.73
CA ASP A 466 28.72 -1.73 -10.46
C ASP A 466 27.36 -1.31 -9.93
N PRO A 467 27.01 -0.01 -10.05
CA PRO A 467 25.83 0.49 -9.33
C PRO A 467 24.52 -0.10 -9.78
N THR A 468 24.42 -0.68 -10.98
CA THR A 468 23.18 -1.32 -11.40
C THR A 468 23.08 -2.78 -10.92
N SER A 469 24.05 -3.26 -10.14
CA SER A 469 23.97 -4.64 -9.70
C SER A 469 22.72 -4.85 -8.87
N ARG A 470 22.11 -6.01 -9.02
CA ARG A 470 20.99 -6.39 -8.20
C ARG A 470 21.40 -7.30 -7.07
N ARG A 471 22.71 -7.34 -6.80
CA ARG A 471 23.28 -8.21 -5.79
C ARG A 471 23.89 -7.42 -4.65
N ILE A 472 23.54 -6.13 -4.53
CA ILE A 472 24.14 -5.31 -3.50
C ILE A 472 23.35 -5.51 -2.22
N LEU A 473 23.81 -6.45 -1.38
CA LEU A 473 23.02 -6.92 -0.26
C LEU A 473 23.95 -7.25 0.90
N LEU A 474 23.55 -6.85 2.10
CA LEU A 474 24.32 -6.99 3.33
C LEU A 474 23.49 -7.79 4.32
N CYS A 475 24.00 -8.94 4.78
CA CYS A 475 23.16 -9.93 5.45
C CYS A 475 23.72 -10.28 6.82
N ALA A 476 22.92 -10.10 7.87
CA ALA A 476 23.37 -10.44 9.21
C ALA A 476 22.92 -11.82 9.66
N TRP A 477 22.00 -12.45 8.94
CA TRP A 477 21.44 -13.74 9.34
C TRP A 477 22.38 -14.83 8.85
N ASN A 478 23.37 -15.14 9.67
CA ASN A 478 24.29 -16.23 9.35
C ASN A 478 23.75 -17.49 10.05
N VAL A 479 23.15 -18.38 9.26
CA VAL A 479 22.39 -19.52 9.78
C VAL A 479 23.30 -20.42 10.64
N LYS A 480 24.58 -20.55 10.26
CA LYS A 480 25.52 -21.38 10.99
C LYS A 480 25.85 -20.83 12.37
N ASP A 481 25.76 -19.51 12.55
CA ASP A 481 26.21 -18.87 13.77
C ASP A 481 25.09 -18.46 14.72
N LEU A 482 23.82 -18.65 14.32
CA LEU A 482 22.72 -18.08 15.08
C LEU A 482 22.78 -18.48 16.57
N ASP A 483 23.03 -19.78 16.85
CA ASP A 483 23.05 -20.25 18.23
C ASP A 483 24.25 -19.72 19.02
N GLN A 484 25.30 -19.28 18.35
CA GLN A 484 26.41 -18.65 19.05
C GLN A 484 26.16 -17.19 19.35
N MET A 485 25.10 -16.60 18.82
CA MET A 485 24.83 -15.19 19.05
C MET A 485 24.05 -15.05 20.34
N ALA A 486 24.39 -14.00 21.10
CA ALA A 486 23.57 -13.65 22.27
C ALA A 486 22.10 -13.71 21.89
N LEU A 487 21.72 -13.11 20.77
CA LEU A 487 20.44 -13.43 20.18
C LEU A 487 20.47 -13.21 18.67
N PRO A 488 19.62 -13.91 17.92
CA PRO A 488 19.64 -13.77 16.48
C PRO A 488 19.26 -12.36 16.07
N PRO A 489 19.82 -11.86 14.95
CA PRO A 489 19.49 -10.49 14.52
C PRO A 489 18.02 -10.36 14.10
N CYS A 490 17.44 -9.21 14.42
CA CYS A 490 16.13 -8.81 13.92
C CYS A 490 16.21 -8.12 12.57
N HIS A 491 17.29 -7.38 12.31
CA HIS A 491 17.51 -6.71 11.02
C HIS A 491 18.27 -7.67 10.11
N ILE A 492 17.50 -8.40 9.30
CA ILE A 492 18.02 -9.54 8.57
C ILE A 492 19.01 -9.09 7.48
N LEU A 493 18.64 -8.05 6.72
CA LEU A 493 19.42 -7.65 5.56
C LEU A 493 19.09 -6.23 5.11
N CYS A 494 20.05 -5.62 4.42
CA CYS A 494 19.90 -4.38 3.69
C CYS A 494 20.18 -4.66 2.22
N GLN A 495 19.30 -4.21 1.33
CA GLN A 495 19.62 -4.19 -0.09
C GLN A 495 19.70 -2.73 -0.57
N PHE A 496 20.66 -2.45 -1.44
CA PHE A 496 20.82 -1.10 -1.95
C PHE A 496 20.46 -1.02 -3.42
N TYR A 497 20.09 0.19 -3.84
CA TYR A 497 19.64 0.49 -5.20
C TYR A 497 20.20 1.86 -5.59
N VAL A 498 20.76 1.95 -6.80
CA VAL A 498 21.38 3.18 -7.28
C VAL A 498 20.72 3.61 -8.59
N PHE A 499 20.29 4.86 -8.65
CA PHE A 499 19.85 5.44 -9.91
C PHE A 499 20.07 6.94 -9.91
N ASP A 500 20.61 7.46 -11.02
CA ASP A 500 20.72 8.91 -11.20
C ASP A 500 21.49 9.54 -10.05
N GLY A 501 22.56 8.87 -9.62
CA GLY A 501 23.39 9.39 -8.56
C GLY A 501 22.78 9.37 -7.18
N LYS A 502 21.69 8.62 -6.98
CA LYS A 502 20.97 8.57 -5.72
C LYS A 502 20.87 7.14 -5.19
N LEU A 503 20.97 7.00 -3.87
CA LEU A 503 21.03 5.71 -3.20
C LEU A 503 19.78 5.48 -2.36
N SER A 504 19.12 4.34 -2.59
CA SER A 504 18.02 3.88 -1.77
C SER A 504 18.39 2.56 -1.10
N CYS A 505 17.70 2.27 0.00
CA CYS A 505 18.00 1.15 0.87
C CYS A 505 16.71 0.51 1.37
N ILE A 506 16.61 -0.81 1.24
CA ILE A 506 15.56 -1.60 1.85
C ILE A 506 16.19 -2.36 3.00
N MET A 507 15.58 -2.29 4.18
CA MET A 507 15.96 -3.16 5.28
C MET A 507 14.80 -4.09 5.64
N TYR A 508 15.10 -5.39 5.75
CA TYR A 508 14.10 -6.38 6.10
C TYR A 508 14.27 -6.74 7.56
N GLN A 509 13.19 -6.58 8.31
CA GLN A 509 13.21 -6.80 9.76
C GLN A 509 12.25 -7.95 10.03
N ARG A 510 12.79 -9.05 10.52
CA ARG A 510 11.99 -10.24 10.78
C ARG A 510 11.08 -10.05 11.98
N SER A 511 11.46 -9.18 12.90
CA SER A 511 10.74 -9.08 14.17
C SER A 511 10.80 -7.64 14.62
N CYS A 512 9.64 -7.03 14.86
CA CYS A 512 9.52 -5.58 14.98
C CYS A 512 8.69 -5.22 16.21
N ASP A 513 9.36 -4.74 17.25
CA ASP A 513 8.68 -4.20 18.42
C ASP A 513 8.26 -2.78 18.08
N LEU A 514 6.97 -2.61 17.76
CA LEU A 514 6.48 -1.32 17.25
C LEU A 514 6.60 -0.24 18.32
N GLY A 515 6.37 -0.58 19.59
CA GLY A 515 6.40 0.42 20.64
C GLY A 515 7.78 0.97 20.95
N LEU A 516 8.78 0.11 21.03
CA LEU A 516 10.10 0.52 21.49
C LEU A 516 11.17 0.41 20.42
N GLY A 517 11.19 -0.69 19.68
CA GLY A 517 12.29 -0.93 18.76
C GLY A 517 12.20 -0.16 17.46
N VAL A 518 11.04 -0.24 16.79
CA VAL A 518 10.92 0.31 15.43
C VAL A 518 11.32 1.77 15.35
N PRO A 519 10.88 2.67 16.25
CA PRO A 519 11.34 4.08 16.16
C PRO A 519 12.85 4.22 16.04
N PHE A 520 13.62 3.45 16.82
CA PHE A 520 15.09 3.54 16.76
C PHE A 520 15.63 2.90 15.48
N ASN A 521 15.03 1.79 15.05
CA ASN A 521 15.47 1.08 13.85
C ASN A 521 15.34 1.96 12.60
N ILE A 522 14.25 2.71 12.48
CA ILE A 522 14.10 3.64 11.37
C ILE A 522 15.26 4.62 11.34
N ALA A 523 15.57 5.20 12.50
CA ALA A 523 16.63 6.18 12.62
C ALA A 523 18.00 5.59 12.28
N SER A 524 18.31 4.39 12.83
CA SER A 524 19.60 3.74 12.60
C SER A 524 19.86 3.52 11.12
N TYR A 525 18.91 2.90 10.41
CA TYR A 525 19.15 2.59 9.01
C TYR A 525 18.98 3.82 8.11
N SER A 526 18.28 4.84 8.57
CA SER A 526 18.31 6.10 7.83
C SER A 526 19.69 6.75 7.95
N ILE A 527 20.29 6.74 9.15
CA ILE A 527 21.66 7.24 9.27
C ILE A 527 22.61 6.40 8.41
N PHE A 528 22.49 5.06 8.48
CA PHE A 528 23.40 4.21 7.71
C PHE A 528 23.27 4.47 6.21
N THR A 529 22.05 4.69 5.72
CA THR A 529 21.89 5.05 4.32
C THR A 529 22.64 6.35 3.98
N HIS A 530 22.57 7.36 4.85
CA HIS A 530 23.34 8.58 4.63
C HIS A 530 24.84 8.30 4.60
N MET A 531 25.34 7.52 5.57
CA MET A 531 26.77 7.25 5.60
C MET A 531 27.22 6.52 4.33
N ILE A 532 26.49 5.49 3.91
CA ILE A 532 26.87 4.76 2.70
C ILE A 532 26.76 5.67 1.48
N ALA A 533 25.68 6.46 1.39
CA ALA A 533 25.57 7.40 0.28
C ALA A 533 26.80 8.29 0.20
N GLN A 534 27.19 8.89 1.33
CA GLN A 534 28.25 9.89 1.27
C GLN A 534 29.59 9.27 0.85
N VAL A 535 29.95 8.11 1.41
CA VAL A 535 31.26 7.56 1.06
C VAL A 535 31.26 6.98 -0.34
N CYS A 536 30.10 6.89 -0.98
CA CYS A 536 30.04 6.52 -2.40
C CYS A 536 29.76 7.73 -3.30
N ASN A 537 29.83 8.95 -2.76
CA ASN A 537 29.54 10.17 -3.51
C ASN A 537 28.18 10.08 -4.20
N LEU A 538 27.18 9.66 -3.44
CA LEU A 538 25.82 9.59 -3.92
C LEU A 538 24.92 10.41 -3.02
N GLN A 539 23.73 10.73 -3.53
CA GLN A 539 22.83 11.39 -2.61
C GLN A 539 21.82 10.38 -2.07
N PRO A 540 21.48 10.43 -0.79
CA PRO A 540 20.49 9.49 -0.25
C PRO A 540 19.11 9.79 -0.84
N ALA A 541 18.43 8.72 -1.33
CA ALA A 541 17.03 8.93 -1.72
C ALA A 541 16.02 8.32 -0.73
N GLN A 542 15.75 7.02 -0.79
CA GLN A 542 14.67 6.44 0.02
C GLN A 542 15.21 5.39 0.98
N PHE A 543 14.76 5.46 2.25
CA PHE A 543 14.89 4.35 3.16
C PHE A 543 13.54 3.63 3.20
N ILE A 544 13.57 2.33 2.86
CA ILE A 544 12.39 1.49 2.73
C ILE A 544 12.49 0.38 3.78
N HIS A 545 11.47 0.27 4.62
CA HIS A 545 11.48 -0.56 5.83
C HIS A 545 10.42 -1.64 5.68
N VAL A 546 10.84 -2.90 5.56
CA VAL A 546 9.89 -3.99 5.41
C VAL A 546 9.80 -4.71 6.75
N LEU A 547 8.60 -4.84 7.27
CA LEU A 547 8.35 -5.47 8.57
C LEU A 547 7.79 -6.87 8.36
N GLY A 548 8.38 -7.85 9.04
CA GLY A 548 7.82 -9.19 8.99
C GLY A 548 6.84 -9.38 10.13
N ASN A 549 7.25 -10.05 11.21
CA ASN A 549 6.39 -10.18 12.39
C ASN A 549 6.40 -8.83 13.09
N ALA A 550 5.31 -8.08 12.95
CA ALA A 550 5.20 -6.75 13.53
C ALA A 550 4.24 -6.84 14.72
N HIS A 551 4.72 -6.46 15.89
CA HIS A 551 3.92 -6.68 17.07
C HIS A 551 3.93 -5.45 17.97
N VAL A 552 2.85 -5.32 18.73
CA VAL A 552 2.74 -4.37 19.84
C VAL A 552 2.62 -5.16 21.14
N TYR A 553 3.56 -4.93 22.05
CA TYR A 553 3.48 -5.57 23.35
C TYR A 553 2.30 -5.03 24.15
N ASN A 554 1.65 -5.92 24.89
CA ASN A 554 0.47 -5.54 25.66
C ASN A 554 0.80 -4.46 26.68
N ASN A 555 1.98 -4.52 27.28
CA ASN A 555 2.33 -3.49 28.25
C ASN A 555 2.66 -2.14 27.60
N HIS A 556 2.57 -2.03 26.27
CA HIS A 556 2.82 -0.76 25.56
C HIS A 556 1.53 -0.10 25.09
N ILE A 557 0.39 -0.78 25.22
CA ILE A 557 -0.83 -0.36 24.53
C ILE A 557 -1.29 1.02 25.00
N ASP A 558 -1.29 1.25 26.32
CA ASP A 558 -1.79 2.53 26.83
C ASP A 558 -0.86 3.68 26.47
N SER A 559 0.45 3.45 26.52
CA SER A 559 1.40 4.45 26.04
C SER A 559 1.13 4.81 24.59
N LEU A 560 0.82 3.81 23.77
CA LEU A 560 0.64 4.02 22.34
C LEU A 560 -0.71 4.68 22.03
N LYS A 561 -1.72 4.40 22.84
CA LYS A 561 -2.99 5.13 22.75
C LYS A 561 -2.78 6.63 22.90
N ILE A 562 -1.97 7.02 23.89
CA ILE A 562 -1.61 8.43 24.05
C ILE A 562 -0.89 8.95 22.81
N GLN A 563 0.15 8.23 22.37
CA GLN A 563 1.01 8.74 21.30
C GLN A 563 0.26 8.90 19.99
N LEU A 564 -0.65 7.98 19.67
CA LEU A 564 -1.38 8.04 18.41
C LEU A 564 -2.32 9.23 18.33
N ASN A 565 -2.64 9.84 19.46
CA ASN A 565 -3.48 11.04 19.46
C ASN A 565 -2.65 12.31 19.48
N ARG A 566 -1.34 12.20 19.30
CA ARG A 566 -0.50 13.37 19.10
C ARG A 566 -0.33 13.66 17.61
N ILE A 567 -0.24 14.94 17.28
CA ILE A 567 -0.01 15.39 15.90
C ILE A 567 1.49 15.49 15.67
N PRO A 568 2.02 14.84 14.64
CA PRO A 568 3.44 15.01 14.33
C PRO A 568 3.80 16.46 14.03
N TYR A 569 5.06 16.81 14.32
CA TYR A 569 5.75 18.02 13.91
C TYR A 569 6.54 17.76 12.63
N PRO A 570 6.84 18.79 11.85
CA PRO A 570 7.78 18.60 10.72
C PRO A 570 9.08 17.99 11.21
N PHE A 571 9.59 17.03 10.43
CA PHE A 571 10.77 16.26 10.79
C PHE A 571 12.02 17.13 10.89
N PRO A 572 13.01 16.69 11.68
CA PRO A 572 14.34 17.32 11.64
C PRO A 572 15.15 16.97 10.40
N THR A 573 16.38 17.44 10.36
CA THR A 573 17.31 17.10 9.29
C THR A 573 18.58 16.51 9.89
N LEU A 574 19.23 15.65 9.13
CA LEU A 574 20.51 15.05 9.53
C LEU A 574 21.63 15.59 8.65
N LYS A 575 22.73 16.05 9.26
CA LYS A 575 23.88 16.45 8.46
C LYS A 575 25.15 15.75 8.93
N LEU A 576 25.95 15.34 7.96
CA LEU A 576 27.20 14.62 8.16
C LEU A 576 28.36 15.54 7.84
N ASN A 577 29.44 15.36 8.57
CA ASN A 577 30.72 15.94 8.22
C ASN A 577 31.05 15.57 6.78
N PRO A 578 31.09 16.52 5.85
CA PRO A 578 31.37 16.17 4.45
C PRO A 578 32.79 15.67 4.21
N ASP A 579 33.72 15.87 5.14
CA ASP A 579 35.09 15.43 4.88
C ASP A 579 35.25 13.92 5.00
N ILE A 580 34.30 13.23 5.63
CA ILE A 580 34.43 11.79 5.85
C ILE A 580 34.12 11.06 4.55
N LYS A 581 35.11 10.33 4.03
CA LYS A 581 35.02 9.72 2.72
C LYS A 581 35.21 8.20 2.75
N ASN A 582 35.40 7.61 3.92
CA ASN A 582 35.46 6.17 4.09
C ASN A 582 34.51 5.75 5.20
N ILE A 583 33.81 4.63 4.99
CA ILE A 583 32.75 4.21 5.90
C ILE A 583 33.28 4.01 7.32
N GLU A 584 34.57 3.71 7.45
CA GLU A 584 35.20 3.39 8.73
C GLU A 584 35.66 4.60 9.50
N ASP A 585 35.59 5.79 8.90
CA ASP A 585 36.21 6.98 9.45
C ASP A 585 35.22 7.89 10.17
N PHE A 586 33.97 7.47 10.39
CA PHE A 586 33.04 8.33 11.11
C PHE A 586 33.23 8.22 12.62
N THR A 587 33.01 9.34 13.29
CA THR A 587 32.97 9.42 14.76
C THR A 587 31.66 10.08 15.17
N ILE A 588 31.35 10.02 16.47
CA ILE A 588 30.07 10.53 16.96
C ILE A 588 29.87 12.01 16.64
N SER A 589 30.96 12.76 16.54
CA SER A 589 30.86 14.21 16.36
C SER A 589 30.64 14.61 14.91
N ASP A 590 30.61 13.64 13.98
CA ASP A 590 30.36 13.89 12.58
C ASP A 590 28.88 13.90 12.23
N PHE A 591 28.01 13.71 13.20
CA PHE A 591 26.57 13.66 12.98
C PHE A 591 25.92 14.82 13.72
N THR A 592 24.99 15.51 13.05
CA THR A 592 24.22 16.59 13.66
C THR A 592 22.76 16.45 13.27
N ILE A 593 21.89 16.30 14.24
CA ILE A 593 20.45 16.37 14.01
C ILE A 593 20.01 17.79 14.32
N GLN A 594 19.30 18.41 13.40
CA GLN A 594 18.98 19.82 13.49
C GLN A 594 17.47 20.02 13.44
N ASN A 595 16.98 20.90 14.31
CA ASN A 595 15.60 21.34 14.30
C ASN A 595 14.64 20.20 14.66
N TYR A 596 15.06 19.33 15.56
CA TYR A 596 14.19 18.28 16.09
C TYR A 596 13.15 18.93 16.99
N VAL A 597 11.91 18.96 16.53
CA VAL A 597 10.77 19.42 17.32
C VAL A 597 9.94 18.17 17.66
N HIS A 598 9.63 18.00 18.93
CA HIS A 598 9.03 16.73 19.36
C HIS A 598 8.11 16.96 20.55
N HIS A 599 7.12 16.08 20.66
CA HIS A 599 6.33 15.97 21.87
C HIS A 599 7.15 15.39 23.02
N GLU A 600 6.51 15.25 24.17
CA GLU A 600 7.15 14.81 25.39
C GLU A 600 7.58 13.34 25.31
N LYS A 601 8.74 13.03 25.89
CA LYS A 601 9.16 11.64 25.95
C LYS A 601 8.10 10.80 26.68
N ILE A 602 7.94 9.56 26.23
CA ILE A 602 6.93 8.63 26.76
C ILE A 602 7.66 7.42 27.30
N SER A 603 7.32 7.01 28.52
CA SER A 603 7.73 5.71 29.03
C SER A 603 6.69 4.69 28.58
N MET A 604 7.14 3.71 27.79
CA MET A 604 6.21 2.68 27.32
C MET A 604 5.71 1.80 28.46
N ASP A 605 6.47 1.70 29.56
CA ASP A 605 6.13 0.89 30.74
C ASP A 605 6.19 -0.61 30.41
N GLU B 3 -33.01 9.28 -25.67
CA GLU B 3 -33.25 8.60 -24.40
C GLU B 3 -33.57 7.12 -24.61
N GLN B 4 -33.00 6.27 -23.76
CA GLN B 4 -33.18 4.83 -23.86
C GLN B 4 -33.99 4.32 -22.68
N VAL B 5 -34.89 3.35 -22.95
CA VAL B 5 -35.80 2.84 -21.93
C VAL B 5 -35.01 2.29 -20.74
N CYS B 6 -33.98 1.48 -21.03
CA CYS B 6 -33.19 0.88 -19.97
C CYS B 6 -32.46 1.95 -19.14
N ASP B 7 -32.14 3.09 -19.74
CA ASP B 7 -31.56 4.19 -18.97
C ASP B 7 -32.61 4.94 -18.17
N VAL B 8 -33.80 5.12 -18.73
CA VAL B 8 -34.86 5.79 -17.98
C VAL B 8 -35.29 4.94 -16.80
N PHE B 9 -35.58 3.66 -17.04
CA PHE B 9 -36.14 2.81 -16.01
C PHE B 9 -35.10 1.96 -15.28
N ASP B 10 -33.82 2.13 -15.62
CA ASP B 10 -32.71 1.49 -14.88
C ASP B 10 -32.92 -0.01 -14.77
N ILE B 11 -32.95 -0.67 -15.92
CA ILE B 11 -33.17 -2.10 -16.00
C ILE B 11 -31.82 -2.80 -16.11
N TYR B 12 -31.51 -3.67 -15.17
CA TYR B 12 -30.26 -4.40 -15.14
C TYR B 12 -30.55 -5.90 -15.13
N ALA B 13 -29.55 -6.66 -15.55
CA ALA B 13 -29.58 -8.11 -15.50
C ALA B 13 -28.56 -8.60 -14.48
N ILE B 14 -28.93 -9.62 -13.71
CA ILE B 14 -28.00 -10.25 -12.79
C ILE B 14 -28.11 -11.76 -12.96
N CYS B 15 -26.96 -12.42 -13.15
CA CYS B 15 -26.94 -13.85 -13.42
C CYS B 15 -25.71 -14.46 -12.78
N ALA B 16 -25.70 -15.79 -12.80
CA ALA B 16 -24.62 -16.61 -12.24
C ALA B 16 -24.39 -17.76 -13.19
N CYS B 17 -23.21 -17.83 -13.81
CA CYS B 17 -22.92 -18.83 -14.84
C CYS B 17 -21.70 -19.67 -14.48
N CYS B 18 -21.82 -20.98 -14.67
CA CYS B 18 -20.74 -21.91 -14.47
C CYS B 18 -20.13 -22.31 -15.81
N LYS B 19 -19.16 -23.21 -15.76
CA LYS B 19 -18.67 -23.82 -16.96
C LYS B 19 -19.50 -25.08 -17.23
N VAL B 20 -19.51 -25.51 -18.49
CA VAL B 20 -20.43 -26.56 -18.94
C VAL B 20 -19.65 -27.77 -19.42
N GLU B 21 -20.11 -28.95 -19.00
CA GLU B 21 -19.49 -30.20 -19.43
C GLU B 21 -19.58 -30.33 -20.95
N SER B 22 -18.41 -30.39 -21.60
CA SER B 22 -18.33 -30.52 -23.04
C SER B 22 -18.67 -31.94 -23.52
N ASN B 29 -5.90 -28.40 -26.79
CA ASN B 29 -5.78 -27.32 -25.81
C ASN B 29 -7.03 -26.43 -25.85
N GLU B 30 -7.89 -26.56 -24.84
CA GLU B 30 -9.13 -25.80 -24.80
C GLU B 30 -8.85 -24.30 -24.75
N VAL B 31 -9.57 -23.54 -25.57
CA VAL B 31 -9.44 -22.09 -25.57
C VAL B 31 -10.51 -21.51 -24.64
N PHE B 32 -10.24 -20.33 -24.09
CA PHE B 32 -11.14 -19.69 -23.16
C PHE B 32 -11.50 -18.29 -23.64
N ASN B 33 -12.73 -17.90 -23.33
CA ASN B 33 -13.22 -16.54 -23.50
C ASN B 33 -14.36 -16.35 -22.50
N ASN B 34 -14.97 -15.16 -22.52
CA ASN B 34 -16.05 -14.90 -21.57
C ASN B 34 -17.17 -15.92 -21.69
N TYR B 35 -17.42 -16.41 -22.91
CA TYR B 35 -18.47 -17.39 -23.17
C TYR B 35 -18.16 -18.75 -22.51
N THR B 36 -16.98 -18.88 -21.91
CA THR B 36 -16.71 -20.08 -21.10
C THR B 36 -17.67 -20.17 -19.93
N PHE B 37 -18.05 -19.03 -19.36
CA PHE B 37 -18.98 -18.99 -18.25
C PHE B 37 -20.37 -18.73 -18.81
N ARG B 38 -21.14 -19.80 -19.03
CA ARG B 38 -22.47 -19.64 -19.60
C ARG B 38 -23.53 -20.57 -19.04
N GLY B 39 -23.20 -21.45 -18.10
CA GLY B 39 -24.17 -22.41 -17.62
C GLY B 39 -25.13 -21.81 -16.62
N LEU B 40 -26.42 -21.81 -16.93
CA LEU B 40 -27.46 -21.20 -16.12
C LEU B 40 -28.23 -22.20 -15.26
N GLY B 41 -28.70 -23.29 -15.86
CA GLY B 41 -29.56 -24.22 -15.14
C GLY B 41 -29.55 -25.60 -15.77
N ASN B 42 -30.18 -26.53 -15.06
CA ASN B 42 -30.26 -27.92 -15.49
C ASN B 42 -31.56 -28.53 -14.98
N LYS B 43 -32.37 -29.05 -15.91
CA LYS B 43 -33.61 -29.74 -15.57
C LYS B 43 -34.50 -28.88 -14.68
N GLY B 44 -34.62 -27.60 -15.02
CA GLY B 44 -35.49 -26.68 -14.33
C GLY B 44 -34.96 -26.10 -13.04
N VAL B 45 -33.76 -26.49 -12.62
CA VAL B 45 -33.17 -26.03 -11.37
C VAL B 45 -31.75 -25.53 -11.66
N LEU B 46 -31.10 -25.04 -10.60
CA LEU B 46 -29.72 -24.57 -10.70
C LEU B 46 -28.78 -25.75 -10.98
N PRO B 47 -27.72 -25.52 -11.77
CA PRO B 47 -26.78 -26.62 -12.07
C PRO B 47 -26.03 -27.12 -10.86
N TRP B 48 -25.91 -26.32 -9.80
CA TRP B 48 -25.15 -26.65 -8.61
C TRP B 48 -26.07 -26.79 -7.41
N LYS B 49 -25.54 -27.42 -6.36
CA LYS B 49 -26.33 -27.64 -5.15
C LYS B 49 -26.55 -26.35 -4.38
N CYS B 50 -25.47 -25.66 -4.02
CA CYS B 50 -25.59 -24.40 -3.31
C CYS B 50 -24.26 -23.64 -3.34
N ILE B 51 -24.30 -22.35 -3.71
CA ILE B 51 -23.12 -21.48 -3.66
C ILE B 51 -23.54 -20.24 -2.86
N SER B 52 -23.29 -20.28 -1.55
CA SER B 52 -23.92 -19.30 -0.67
C SER B 52 -23.48 -17.89 -1.00
N LEU B 53 -22.20 -17.69 -1.30
CA LEU B 53 -21.70 -16.32 -1.42
C LEU B 53 -22.36 -15.60 -2.58
N ASP B 54 -22.61 -16.30 -3.69
CA ASP B 54 -23.35 -15.68 -4.78
C ASP B 54 -24.78 -15.37 -4.37
N MET B 55 -25.42 -16.29 -3.63
CA MET B 55 -26.75 -16.04 -3.09
C MET B 55 -26.75 -14.78 -2.24
N LYS B 56 -25.75 -14.64 -1.37
CA LYS B 56 -25.66 -13.44 -0.54
C LYS B 56 -25.39 -12.20 -1.40
N TYR B 57 -24.61 -12.35 -2.47
CA TYR B 57 -24.37 -11.23 -3.37
C TYR B 57 -25.63 -10.85 -4.13
N PHE B 58 -26.32 -11.85 -4.67
CA PHE B 58 -27.53 -11.59 -5.44
C PHE B 58 -28.57 -10.86 -4.60
N ARG B 59 -28.79 -11.34 -3.37
CA ARG B 59 -29.72 -10.67 -2.47
C ARG B 59 -29.24 -9.27 -2.11
N ALA B 60 -27.94 -9.10 -1.87
CA ALA B 60 -27.43 -7.78 -1.50
C ALA B 60 -27.62 -6.77 -2.63
N VAL B 61 -27.44 -7.19 -3.88
CA VAL B 61 -27.58 -6.28 -5.01
C VAL B 61 -29.05 -5.97 -5.30
N THR B 62 -29.92 -6.97 -5.24
CA THR B 62 -31.31 -6.74 -5.63
C THR B 62 -32.14 -6.13 -4.51
N THR B 63 -31.67 -6.12 -3.26
CA THR B 63 -32.40 -5.45 -2.20
C THR B 63 -31.91 -4.04 -1.91
N TYR B 64 -30.68 -3.71 -2.29
CA TYR B 64 -30.13 -2.42 -1.91
C TYR B 64 -30.82 -1.27 -2.62
N VAL B 65 -31.07 -0.21 -1.86
CA VAL B 65 -31.78 0.98 -2.34
C VAL B 65 -31.13 2.20 -1.72
N ASN B 66 -31.08 3.30 -2.47
CA ASN B 66 -30.58 4.57 -1.94
C ASN B 66 -31.69 5.62 -2.06
N GLU B 67 -32.31 5.95 -0.93
CA GLU B 67 -33.40 6.91 -0.91
C GLU B 67 -32.97 8.25 -1.48
N SER B 68 -31.83 8.76 -1.02
CA SER B 68 -31.36 10.11 -1.34
C SER B 68 -31.08 10.31 -2.82
N LYS B 69 -31.28 9.27 -3.63
CA LYS B 69 -31.05 9.36 -5.06
C LYS B 69 -32.30 9.08 -5.85
N TYR B 70 -33.41 8.79 -5.17
CA TYR B 70 -34.62 8.39 -5.90
C TYR B 70 -35.29 9.58 -6.58
N GLU B 71 -35.19 10.78 -6.02
CA GLU B 71 -35.90 11.91 -6.61
C GLU B 71 -35.36 12.23 -8.00
N LYS B 72 -34.07 12.03 -8.22
CA LYS B 72 -33.50 12.22 -9.55
C LYS B 72 -34.05 11.20 -10.54
N LEU B 73 -34.23 9.95 -10.09
CA LEU B 73 -34.79 8.90 -10.94
C LEU B 73 -36.28 9.13 -11.21
N LYS B 74 -37.03 9.44 -10.14
CA LYS B 74 -38.44 9.79 -10.29
C LYS B 74 -38.62 10.96 -11.24
N TYR B 75 -37.82 12.01 -11.06
CA TYR B 75 -37.89 13.16 -11.95
C TYR B 75 -37.64 12.77 -13.40
N LYS B 76 -36.64 11.93 -13.64
CA LYS B 76 -36.31 11.52 -14.99
C LYS B 76 -37.43 10.68 -15.62
N ARG B 77 -38.04 9.78 -14.85
CA ARG B 77 -39.06 8.90 -15.41
C ARG B 77 -40.34 9.67 -15.74
N CYS B 78 -40.73 10.61 -14.88
CA CYS B 78 -41.91 11.43 -15.15
C CYS B 78 -41.69 12.31 -16.38
N LYS B 79 -40.51 12.92 -16.51
CA LYS B 79 -40.22 13.71 -17.71
C LYS B 79 -40.36 12.88 -18.98
N TYR B 80 -39.87 11.64 -18.96
CA TYR B 80 -39.95 10.78 -20.14
C TYR B 80 -41.39 10.36 -20.44
N LEU B 81 -42.26 10.28 -19.43
CA LEU B 81 -43.64 9.86 -19.63
C LEU B 81 -44.62 11.04 -19.75
N ASN B 82 -44.12 12.27 -19.90
CA ASN B 82 -44.97 13.45 -19.98
C ASN B 82 -45.96 13.51 -18.82
N LYS B 83 -45.41 13.34 -17.61
CA LYS B 83 -46.18 13.40 -16.37
C LYS B 83 -45.45 14.26 -15.35
N GLU B 84 -46.18 14.68 -14.33
CA GLU B 84 -45.58 15.41 -13.21
C GLU B 84 -45.44 14.54 -11.96
N THR B 85 -46.24 13.48 -11.83
CA THR B 85 -46.15 12.52 -10.75
C THR B 85 -46.13 11.10 -11.32
N VAL B 86 -45.61 10.15 -10.54
CA VAL B 86 -45.77 8.74 -10.92
C VAL B 86 -47.24 8.33 -10.76
N ASP B 87 -47.93 8.93 -9.78
CA ASP B 87 -49.37 8.74 -9.61
C ASP B 87 -50.15 9.11 -10.88
N ASN B 88 -49.79 10.24 -11.50
CA ASN B 88 -50.59 10.90 -12.55
C ASN B 88 -51.91 11.44 -11.99
N VAL B 89 -51.93 11.78 -10.70
CA VAL B 89 -53.11 12.39 -10.08
C VAL B 89 -52.69 13.64 -9.33
N LYS B 97 -41.65 3.32 1.37
CA LYS B 97 -40.48 2.46 1.58
C LYS B 97 -39.93 1.97 0.24
N LEU B 98 -38.95 2.69 -0.29
CA LEU B 98 -38.45 2.42 -1.64
C LEU B 98 -37.85 1.02 -1.72
N GLN B 99 -38.15 0.33 -2.82
CA GLN B 99 -37.69 -1.03 -3.05
C GLN B 99 -37.40 -1.24 -4.53
N ASN B 100 -36.55 -2.21 -4.81
CA ASN B 100 -36.28 -2.56 -6.20
C ASN B 100 -37.36 -3.50 -6.72
N VAL B 101 -37.44 -3.59 -8.05
CA VAL B 101 -38.32 -4.52 -8.75
C VAL B 101 -37.46 -5.67 -9.27
N VAL B 102 -37.95 -6.89 -9.16
CA VAL B 102 -37.23 -8.06 -9.66
C VAL B 102 -38.14 -8.86 -10.58
N VAL B 103 -37.67 -9.08 -11.81
CA VAL B 103 -38.43 -9.69 -12.89
C VAL B 103 -37.93 -11.12 -13.10
N MET B 104 -38.86 -12.06 -13.22
CA MET B 104 -38.51 -13.47 -13.37
C MET B 104 -39.35 -14.12 -14.45
N GLY B 105 -38.80 -15.19 -15.05
CA GLY B 105 -39.60 -16.10 -15.83
C GLY B 105 -40.40 -17.05 -14.95
N ARG B 106 -41.41 -17.67 -15.56
CA ARG B 106 -42.25 -18.60 -14.81
C ARG B 106 -41.44 -19.80 -14.32
N THR B 107 -40.67 -20.43 -15.22
CA THR B 107 -39.84 -21.55 -14.81
C THR B 107 -38.91 -21.14 -13.68
N ASN B 108 -38.33 -19.94 -13.80
CA ASN B 108 -37.46 -19.42 -12.75
C ASN B 108 -38.23 -19.29 -11.44
N TRP B 109 -39.41 -18.67 -11.49
CA TRP B 109 -40.22 -18.51 -10.28
C TRP B 109 -40.66 -19.86 -9.70
N GLU B 110 -40.83 -20.87 -10.56
CA GLU B 110 -41.18 -22.20 -10.07
C GLU B 110 -39.99 -22.92 -9.43
N SER B 111 -38.76 -22.62 -9.86
CA SER B 111 -37.57 -23.22 -9.26
C SER B 111 -37.25 -22.65 -7.89
N ILE B 112 -37.73 -21.46 -7.57
CA ILE B 112 -37.47 -20.90 -6.24
C ILE B 112 -38.28 -21.68 -5.20
N PRO B 113 -37.67 -22.12 -4.11
CA PRO B 113 -38.44 -22.81 -3.08
C PRO B 113 -39.50 -21.90 -2.48
N LYS B 114 -40.55 -22.53 -1.94
CA LYS B 114 -41.72 -21.78 -1.49
C LYS B 114 -41.37 -20.79 -0.39
N LYS B 115 -40.54 -21.19 0.58
CA LYS B 115 -40.34 -20.32 1.73
C LYS B 115 -39.52 -19.06 1.41
N PHE B 116 -39.07 -18.88 0.17
CA PHE B 116 -38.38 -17.67 -0.24
C PHE B 116 -39.22 -16.78 -1.15
N LYS B 117 -40.40 -17.24 -1.59
CA LYS B 117 -41.32 -16.49 -2.43
C LYS B 117 -42.42 -15.87 -1.58
N PRO B 118 -42.76 -14.59 -1.80
CA PRO B 118 -42.12 -13.65 -2.73
C PRO B 118 -40.77 -13.22 -2.19
N LEU B 119 -39.84 -12.78 -3.04
CA LEU B 119 -38.53 -12.38 -2.56
C LEU B 119 -38.66 -11.16 -1.64
N SER B 120 -37.98 -11.24 -0.50
CA SER B 120 -38.15 -10.26 0.56
C SER B 120 -37.68 -8.89 0.14
N ASN B 121 -38.40 -7.86 0.61
CA ASN B 121 -38.07 -6.45 0.37
C ASN B 121 -37.96 -6.09 -1.11
N ARG B 122 -38.59 -6.86 -1.99
CA ARG B 122 -38.53 -6.57 -3.41
C ARG B 122 -39.91 -6.70 -4.04
N ILE B 123 -40.17 -5.88 -5.05
CA ILE B 123 -41.41 -5.93 -5.81
C ILE B 123 -41.29 -7.04 -6.83
N ASN B 124 -42.01 -8.15 -6.61
CA ASN B 124 -41.84 -9.36 -7.41
C ASN B 124 -42.73 -9.30 -8.66
N VAL B 125 -42.12 -9.47 -9.82
CA VAL B 125 -42.80 -9.40 -11.11
C VAL B 125 -42.50 -10.69 -11.88
N ILE B 126 -43.55 -11.35 -12.38
CA ILE B 126 -43.42 -12.63 -13.05
C ILE B 126 -43.93 -12.50 -14.49
N LEU B 127 -43.06 -12.78 -15.45
CA LEU B 127 -43.45 -12.81 -16.87
C LEU B 127 -44.04 -14.17 -17.18
N SER B 128 -45.32 -14.19 -17.53
CA SER B 128 -46.01 -15.44 -17.82
C SER B 128 -47.05 -15.20 -18.91
N ARG B 129 -47.32 -16.26 -19.68
CA ARG B 129 -48.41 -16.28 -20.64
C ARG B 129 -49.53 -17.22 -20.25
N THR B 130 -49.45 -17.84 -19.06
CA THR B 130 -50.48 -18.77 -18.60
C THR B 130 -50.94 -18.53 -17.17
N LEU B 131 -50.16 -17.84 -16.34
CA LEU B 131 -50.60 -17.54 -14.98
C LEU B 131 -51.56 -16.37 -14.99
N LYS B 132 -52.32 -16.24 -13.90
CA LYS B 132 -53.30 -15.19 -13.74
C LYS B 132 -53.18 -14.59 -12.35
N LYS B 133 -53.30 -13.27 -12.27
CA LYS B 133 -53.02 -12.56 -11.02
C LYS B 133 -54.04 -12.84 -9.92
N GLU B 134 -55.17 -13.49 -10.24
CA GLU B 134 -56.20 -13.74 -9.22
C GLU B 134 -55.73 -14.75 -8.17
N ASP B 135 -55.01 -15.80 -8.59
CA ASP B 135 -54.47 -16.75 -7.63
C ASP B 135 -53.09 -16.34 -7.10
N PHE B 136 -52.69 -15.09 -7.35
CA PHE B 136 -51.56 -14.45 -6.71
C PHE B 136 -52.07 -13.32 -5.82
N ASP B 137 -51.14 -12.59 -5.21
CA ASP B 137 -51.50 -11.42 -4.42
C ASP B 137 -51.55 -10.20 -5.33
N GLU B 138 -51.62 -9.01 -4.71
CA GLU B 138 -51.49 -7.76 -5.44
C GLU B 138 -50.10 -7.15 -5.34
N ASP B 139 -49.31 -7.56 -4.33
CA ASP B 139 -47.89 -7.21 -4.30
C ASP B 139 -47.14 -7.85 -5.45
N VAL B 140 -47.47 -9.09 -5.78
CA VAL B 140 -46.81 -9.83 -6.86
C VAL B 140 -47.61 -9.63 -8.14
N TYR B 141 -46.97 -9.02 -9.13
CA TYR B 141 -47.57 -8.71 -10.42
C TYR B 141 -47.29 -9.82 -11.43
N ILE B 142 -48.18 -9.93 -12.42
CA ILE B 142 -47.97 -10.80 -13.56
C ILE B 142 -48.18 -9.97 -14.82
N ILE B 143 -47.29 -10.14 -15.80
CA ILE B 143 -47.35 -9.37 -17.04
C ILE B 143 -47.19 -10.33 -18.22
N ASN B 144 -47.83 -9.99 -19.34
CA ASN B 144 -47.99 -10.90 -20.47
C ASN B 144 -46.87 -10.83 -21.48
N LYS B 145 -46.16 -9.69 -21.56
CA LYS B 145 -45.05 -9.57 -22.48
C LYS B 145 -44.10 -8.50 -21.96
N VAL B 146 -43.03 -8.26 -22.71
CA VAL B 146 -41.99 -7.34 -22.28
C VAL B 146 -42.55 -5.93 -22.14
N GLU B 147 -43.46 -5.55 -23.03
CA GLU B 147 -43.92 -4.16 -23.04
C GLU B 147 -44.71 -3.83 -21.78
N ASP B 148 -45.49 -4.77 -21.26
CA ASP B 148 -46.25 -4.51 -20.03
C ASP B 148 -45.35 -4.27 -18.82
N LEU B 149 -44.08 -4.66 -18.90
CA LEU B 149 -43.14 -4.29 -17.84
C LEU B 149 -42.91 -2.79 -17.80
N ILE B 150 -42.63 -2.19 -18.97
CA ILE B 150 -42.38 -0.75 -19.02
C ILE B 150 -43.58 0.02 -18.54
N VAL B 151 -44.80 -0.47 -18.83
CA VAL B 151 -46.00 0.17 -18.33
C VAL B 151 -46.06 0.08 -16.81
N LEU B 152 -45.75 -1.10 -16.25
CA LEU B 152 -45.81 -1.27 -14.80
C LEU B 152 -44.73 -0.44 -14.10
N LEU B 153 -43.54 -0.35 -14.68
CA LEU B 153 -42.48 0.45 -14.08
C LEU B 153 -42.87 1.93 -14.03
N GLY B 154 -43.50 2.42 -15.10
CA GLY B 154 -43.90 3.81 -15.16
C GLY B 154 -45.01 4.16 -14.19
N LYS B 155 -45.72 3.16 -13.67
CA LYS B 155 -46.74 3.34 -12.66
C LYS B 155 -46.25 3.03 -11.25
N LEU B 156 -45.02 2.55 -11.08
CA LEU B 156 -44.52 2.16 -9.78
C LEU B 156 -43.46 3.14 -9.29
N ASN B 157 -43.33 3.23 -7.97
CA ASN B 157 -42.18 3.83 -7.31
C ASN B 157 -41.20 2.70 -6.96
N TYR B 158 -39.99 2.79 -7.50
CA TYR B 158 -38.99 1.75 -7.30
C TYR B 158 -37.62 2.35 -7.52
N TYR B 159 -36.61 1.76 -6.87
CA TYR B 159 -35.24 2.22 -7.06
C TYR B 159 -34.65 1.74 -8.38
N LYS B 160 -34.49 0.42 -8.54
CA LYS B 160 -33.95 -0.16 -9.76
C LYS B 160 -34.68 -1.45 -10.09
N CYS B 161 -34.53 -1.90 -11.33
CA CYS B 161 -35.24 -3.08 -11.82
C CYS B 161 -34.24 -4.12 -12.28
N PHE B 162 -34.33 -5.31 -11.68
CA PHE B 162 -33.37 -6.39 -11.91
C PHE B 162 -34.05 -7.57 -12.59
N ILE B 163 -33.59 -7.90 -13.80
CA ILE B 163 -34.00 -9.11 -14.49
C ILE B 163 -33.23 -10.29 -13.91
N LEU B 164 -33.93 -11.20 -13.25
CA LEU B 164 -33.29 -12.32 -12.56
C LEU B 164 -33.24 -13.59 -13.40
N GLY B 165 -33.67 -13.54 -14.67
CA GLY B 165 -33.73 -14.71 -15.52
C GLY B 165 -35.10 -15.33 -15.54
N GLY B 166 -35.19 -16.47 -16.22
CA GLY B 166 -34.07 -17.25 -16.72
C GLY B 166 -33.66 -17.05 -18.17
N SER B 167 -33.33 -18.16 -18.81
CA SER B 167 -32.65 -18.12 -20.10
C SER B 167 -33.48 -17.41 -21.17
N VAL B 168 -34.79 -17.68 -21.20
CA VAL B 168 -35.66 -17.01 -22.17
C VAL B 168 -35.71 -15.51 -21.88
N VAL B 169 -35.90 -15.14 -20.62
CA VAL B 169 -36.03 -13.74 -20.23
C VAL B 169 -34.76 -12.97 -20.58
N TYR B 170 -33.58 -13.54 -20.26
CA TYR B 170 -32.32 -12.88 -20.59
C TYR B 170 -32.20 -12.62 -22.08
N GLN B 171 -32.52 -13.63 -22.89
CA GLN B 171 -32.31 -13.52 -24.33
C GLN B 171 -33.14 -12.38 -24.92
N GLU B 172 -34.44 -12.35 -24.63
CA GLU B 172 -35.31 -11.35 -25.24
C GLU B 172 -35.01 -9.95 -24.74
N PHE B 173 -34.69 -9.81 -23.45
CA PHE B 173 -34.29 -8.51 -22.91
C PHE B 173 -32.98 -8.04 -23.53
N LEU B 174 -32.05 -8.97 -23.79
CA LEU B 174 -30.76 -8.58 -24.36
C LEU B 174 -30.90 -8.14 -25.81
N GLU B 175 -31.68 -8.87 -26.61
CA GLU B 175 -31.82 -8.50 -28.02
C GLU B 175 -32.63 -7.21 -28.18
N LYS B 176 -33.54 -6.92 -27.25
CA LYS B 176 -34.32 -5.69 -27.27
C LYS B 176 -33.61 -4.52 -26.61
N LYS B 177 -32.29 -4.63 -26.34
CA LYS B 177 -31.48 -3.51 -25.87
C LYS B 177 -32.02 -2.88 -24.57
N LEU B 178 -32.67 -3.69 -23.73
CA LEU B 178 -33.27 -3.23 -22.49
C LEU B 178 -32.38 -3.47 -21.26
N ILE B 179 -31.08 -3.69 -21.46
CA ILE B 179 -30.19 -4.00 -20.36
C ILE B 179 -29.09 -2.96 -20.31
N LYS B 180 -29.03 -2.22 -19.21
CA LYS B 180 -28.03 -1.19 -19.01
C LYS B 180 -26.72 -1.78 -18.47
N LYS B 181 -26.81 -2.76 -17.56
CA LYS B 181 -25.63 -3.41 -17.01
C LYS B 181 -25.97 -4.86 -16.73
N ILE B 182 -24.95 -5.72 -16.80
CA ILE B 182 -25.09 -7.14 -16.43
C ILE B 182 -24.21 -7.39 -15.23
N TYR B 183 -24.81 -7.89 -14.15
CA TYR B 183 -24.10 -8.29 -12.95
C TYR B 183 -23.89 -9.80 -13.07
N PHE B 184 -22.67 -10.17 -13.44
CA PHE B 184 -22.34 -11.49 -13.94
C PHE B 184 -21.43 -12.16 -12.91
N THR B 185 -21.92 -13.23 -12.27
CA THR B 185 -21.09 -14.05 -11.41
C THR B 185 -20.44 -15.14 -12.24
N ARG B 186 -19.12 -15.25 -12.15
CA ARG B 186 -18.39 -16.34 -12.80
C ARG B 186 -18.14 -17.43 -11.76
N ILE B 187 -18.81 -18.56 -11.94
CA ILE B 187 -18.64 -19.74 -11.10
C ILE B 187 -17.61 -20.64 -11.77
N ASN B 188 -16.40 -20.70 -11.19
CA ASN B 188 -15.28 -21.38 -11.85
C ASN B 188 -15.25 -22.88 -11.56
N SER B 189 -16.30 -23.55 -12.03
CA SER B 189 -16.41 -25.00 -11.95
C SER B 189 -17.41 -25.45 -13.00
N THR B 190 -17.41 -26.76 -13.27
CA THR B 190 -18.13 -27.31 -14.41
C THR B 190 -19.29 -28.14 -13.91
N TYR B 191 -20.47 -27.92 -14.51
CA TYR B 191 -21.66 -28.67 -14.17
C TYR B 191 -22.40 -29.03 -15.45
N GLU B 192 -23.24 -30.06 -15.35
CA GLU B 192 -24.15 -30.36 -16.45
C GLU B 192 -25.27 -29.34 -16.45
N CYS B 193 -25.54 -28.77 -17.63
CA CYS B 193 -26.55 -27.74 -17.79
C CYS B 193 -27.28 -27.98 -19.10
N ASP B 194 -28.57 -27.62 -19.11
CA ASP B 194 -29.35 -27.64 -20.35
C ASP B 194 -29.78 -26.26 -20.83
N VAL B 195 -29.57 -25.20 -20.03
CA VAL B 195 -29.86 -23.84 -20.44
C VAL B 195 -28.66 -22.95 -20.16
N PHE B 196 -28.51 -21.90 -20.96
CA PHE B 196 -27.29 -21.11 -20.99
C PHE B 196 -27.60 -19.63 -21.13
N PHE B 197 -26.71 -18.80 -20.58
CA PHE B 197 -26.80 -17.38 -20.82
C PHE B 197 -26.45 -17.09 -22.28
N PRO B 198 -27.19 -16.19 -22.94
CA PRO B 198 -26.85 -15.86 -24.33
C PRO B 198 -25.47 -15.21 -24.41
N GLU B 199 -24.75 -15.51 -25.48
CA GLU B 199 -23.41 -14.94 -25.66
C GLU B 199 -23.49 -13.42 -25.66
N ILE B 200 -22.54 -12.79 -24.95
CA ILE B 200 -22.51 -11.33 -24.85
C ILE B 200 -21.67 -10.77 -25.98
N ASN B 201 -22.27 -9.91 -26.80
CA ASN B 201 -21.54 -9.30 -27.91
C ASN B 201 -20.66 -8.20 -27.37
N GLU B 202 -19.34 -8.36 -27.52
CA GLU B 202 -18.40 -7.41 -26.94
C GLU B 202 -18.42 -6.06 -27.64
N ASN B 203 -19.09 -5.94 -28.79
CA ASN B 203 -19.37 -4.62 -29.34
C ASN B 203 -20.61 -4.00 -28.72
N GLU B 204 -21.39 -4.76 -27.98
CA GLU B 204 -22.62 -4.31 -27.31
C GLU B 204 -22.42 -4.00 -25.83
N TYR B 205 -21.68 -4.85 -25.12
CA TYR B 205 -21.34 -4.61 -23.71
C TYR B 205 -19.83 -4.79 -23.52
N GLN B 206 -19.31 -4.17 -22.47
CA GLN B 206 -17.93 -4.42 -22.10
C GLN B 206 -17.78 -4.41 -20.58
N ILE B 207 -16.81 -5.18 -20.11
CA ILE B 207 -16.54 -5.29 -18.69
C ILE B 207 -16.00 -3.95 -18.19
N ILE B 208 -16.50 -3.50 -17.04
CA ILE B 208 -16.00 -2.28 -16.45
C ILE B 208 -15.47 -2.46 -15.04
N SER B 209 -15.82 -3.55 -14.35
CA SER B 209 -15.33 -3.78 -13.00
C SER B 209 -15.24 -5.28 -12.76
N VAL B 210 -14.23 -5.67 -11.99
CA VAL B 210 -13.99 -7.06 -11.63
C VAL B 210 -13.69 -7.12 -10.14
N SER B 211 -14.29 -8.07 -9.45
CA SER B 211 -14.19 -8.13 -8.00
C SER B 211 -12.96 -8.93 -7.57
N ASP B 212 -12.75 -8.99 -6.26
CA ASP B 212 -11.88 -9.96 -5.63
C ASP B 212 -12.33 -11.39 -5.97
N VAL B 213 -11.42 -12.34 -5.81
CA VAL B 213 -11.73 -13.76 -6.02
C VAL B 213 -11.99 -14.42 -4.68
N TYR B 214 -12.98 -15.32 -4.66
CA TYR B 214 -13.50 -15.91 -3.44
C TYR B 214 -13.60 -17.41 -3.58
N THR B 215 -13.65 -18.10 -2.46
CA THR B 215 -13.99 -19.52 -2.42
C THR B 215 -15.32 -19.67 -1.68
N SER B 216 -16.25 -20.41 -2.28
CA SER B 216 -17.50 -20.73 -1.61
C SER B 216 -17.96 -22.11 -2.06
N ASN B 217 -18.23 -22.99 -1.09
CA ASN B 217 -18.73 -24.34 -1.37
C ASN B 217 -17.86 -25.06 -2.40
N ASN B 218 -16.55 -25.05 -2.15
CA ASN B 218 -15.60 -25.84 -2.93
C ASN B 218 -15.48 -25.37 -4.38
N THR B 219 -15.72 -24.09 -4.65
CA THR B 219 -15.43 -23.52 -5.96
C THR B 219 -14.94 -22.09 -5.78
N THR B 220 -14.06 -21.64 -6.66
CA THR B 220 -13.80 -20.21 -6.69
C THR B 220 -14.82 -19.52 -7.60
N LEU B 221 -14.99 -18.22 -7.36
CA LEU B 221 -15.90 -17.40 -8.14
C LEU B 221 -15.46 -15.96 -8.00
N ASP B 222 -15.83 -15.15 -9.00
CA ASP B 222 -15.71 -13.71 -8.85
C ASP B 222 -16.93 -13.05 -9.48
N PHE B 223 -16.96 -11.73 -9.38
CA PHE B 223 -18.11 -10.92 -9.75
C PHE B 223 -17.64 -9.86 -10.72
N ILE B 224 -18.22 -9.86 -11.91
CA ILE B 224 -17.85 -8.82 -12.87
C ILE B 224 -19.11 -8.09 -13.29
N ILE B 225 -18.90 -6.88 -13.83
CA ILE B 225 -19.98 -5.99 -14.24
C ILE B 225 -19.78 -5.64 -15.70
N TYR B 226 -20.77 -5.94 -16.52
CA TYR B 226 -20.80 -5.50 -17.89
C TYR B 226 -21.56 -4.19 -18.01
N LYS B 227 -21.08 -3.30 -18.87
CA LYS B 227 -21.75 -2.04 -19.13
C LYS B 227 -22.07 -1.93 -20.62
N LYS B 228 -23.30 -1.54 -20.93
CA LYS B 228 -23.68 -1.23 -22.30
C LYS B 228 -22.77 -0.12 -22.84
N THR B 229 -22.33 -0.28 -24.09
CA THR B 229 -21.37 0.66 -24.66
C THR B 229 -22.07 1.79 -25.40
N GLU B 286 -12.44 19.62 3.45
CA GLU B 286 -13.22 19.77 2.23
C GLU B 286 -12.51 19.07 1.07
N GLU B 287 -13.02 19.26 -0.15
CA GLU B 287 -12.40 18.71 -1.35
C GLU B 287 -11.35 19.63 -1.95
N ASP B 288 -11.42 20.94 -1.69
CA ASP B 288 -10.36 21.81 -2.16
C ASP B 288 -9.07 21.55 -1.40
N ASP B 289 -9.17 21.20 -0.11
CA ASP B 289 -7.97 20.90 0.66
C ASP B 289 -7.18 19.78 0.03
N PHE B 290 -7.86 18.76 -0.50
CA PHE B 290 -7.19 17.72 -1.26
C PHE B 290 -6.37 18.32 -2.41
N VAL B 291 -6.97 19.25 -3.16
CA VAL B 291 -6.24 19.87 -4.28
C VAL B 291 -5.01 20.60 -3.78
N TYR B 292 -5.13 21.31 -2.67
CA TYR B 292 -3.99 22.09 -2.18
C TYR B 292 -2.82 21.19 -1.81
N PHE B 293 -3.10 20.06 -1.14
CA PHE B 293 -2.01 19.18 -0.76
C PHE B 293 -1.34 18.55 -1.97
N ASN B 294 -1.95 18.60 -3.14
CA ASN B 294 -1.34 18.10 -4.36
C ASN B 294 -0.62 19.19 -5.16
N PHE B 295 -0.40 20.37 -4.57
CA PHE B 295 0.19 21.48 -5.31
C PHE B 295 1.56 21.15 -5.88
N ASN B 296 2.24 20.09 -5.42
CA ASN B 296 3.59 19.83 -5.88
C ASN B 296 3.72 18.62 -6.80
N LYS B 297 2.61 18.00 -7.18
CA LYS B 297 2.64 16.73 -7.94
C LYS B 297 3.16 16.85 -9.37
N LYS B 304 6.58 10.07 -19.30
CA LYS B 304 7.88 9.89 -18.68
C LYS B 304 8.71 8.96 -19.53
N ASN B 305 8.24 7.71 -19.65
CA ASN B 305 8.76 6.74 -20.61
C ASN B 305 7.82 6.64 -21.79
N SER B 306 8.33 6.12 -22.91
CA SER B 306 7.65 6.22 -24.19
C SER B 306 6.43 5.31 -24.27
N ILE B 307 5.43 5.59 -23.45
CA ILE B 307 4.22 4.78 -23.35
C ILE B 307 3.01 5.69 -23.58
N HIS B 308 2.11 5.28 -24.48
CA HIS B 308 1.06 6.13 -25.04
C HIS B 308 -0.29 5.81 -24.41
N PRO B 309 -1.26 6.77 -24.48
CA PRO B 309 -2.58 6.53 -23.88
C PRO B 309 -3.27 5.27 -24.36
N ASN B 310 -3.45 5.16 -25.67
CA ASN B 310 -4.19 4.05 -26.25
C ASN B 310 -3.55 2.70 -25.95
N ASP B 311 -2.28 2.69 -25.53
CA ASP B 311 -1.61 1.43 -25.18
C ASP B 311 -2.39 0.68 -24.11
N PHE B 312 -2.89 1.39 -23.10
CA PHE B 312 -3.58 0.74 -21.99
C PHE B 312 -5.05 1.15 -21.94
N GLN B 313 -5.71 1.14 -23.09
CA GLN B 313 -7.10 1.57 -23.16
C GLN B 313 -7.98 0.67 -22.29
N ILE B 314 -7.94 -0.63 -22.53
CA ILE B 314 -8.80 -1.54 -21.78
C ILE B 314 -8.43 -1.53 -20.30
N TYR B 315 -7.13 -1.47 -19.99
CA TYR B 315 -6.68 -1.47 -18.59
C TYR B 315 -7.18 -0.23 -17.86
N ASN B 316 -7.10 0.93 -18.50
CA ASN B 316 -7.50 2.16 -17.85
C ASN B 316 -9.00 2.41 -17.90
N SER B 317 -9.74 1.64 -18.69
CA SER B 317 -11.18 1.81 -18.78
C SER B 317 -11.92 1.12 -17.63
N LEU B 318 -11.26 0.21 -16.92
CA LEU B 318 -11.91 -0.43 -15.78
C LEU B 318 -12.04 0.55 -14.63
N LYS B 319 -13.15 0.46 -13.89
CA LYS B 319 -13.34 1.31 -12.72
C LYS B 319 -12.82 0.61 -11.46
N TYR B 320 -13.35 -0.57 -11.17
CA TYR B 320 -12.93 -1.35 -10.02
C TYR B 320 -12.11 -2.55 -10.49
N LYS B 321 -10.86 -2.60 -10.07
CA LYS B 321 -9.95 -3.71 -10.39
C LYS B 321 -9.53 -4.35 -9.07
N TYR B 322 -10.41 -5.19 -8.55
CA TYR B 322 -10.19 -5.81 -7.25
C TYR B 322 -9.65 -7.22 -7.37
N HIS B 323 -9.60 -7.78 -8.56
CA HIS B 323 -9.03 -9.10 -8.74
C HIS B 323 -7.57 -9.07 -8.27
N PRO B 324 -7.12 -10.05 -7.48
CA PRO B 324 -5.75 -10.01 -6.94
C PRO B 324 -4.67 -10.06 -8.00
N GLU B 325 -4.98 -10.56 -9.20
CA GLU B 325 -4.02 -10.50 -10.29
C GLU B 325 -3.62 -9.07 -10.62
N TYR B 326 -4.49 -8.09 -10.30
CA TYR B 326 -4.11 -6.70 -10.54
C TYR B 326 -2.96 -6.26 -9.65
N GLN B 327 -2.73 -6.95 -8.53
CA GLN B 327 -1.54 -6.61 -7.76
C GLN B 327 -0.28 -6.74 -8.59
N TYR B 328 -0.18 -7.82 -9.38
CA TYR B 328 0.94 -8.02 -10.29
C TYR B 328 0.88 -7.02 -11.45
N LEU B 329 -0.30 -6.87 -12.08
CA LEU B 329 -0.44 -6.00 -13.25
C LEU B 329 -0.23 -4.53 -12.89
N ASN B 330 -0.71 -4.09 -11.72
CA ASN B 330 -0.51 -2.69 -11.34
C ASN B 330 0.97 -2.38 -11.16
N ILE B 331 1.75 -3.35 -10.65
CA ILE B 331 3.19 -3.14 -10.51
C ILE B 331 3.87 -2.98 -11.88
N ILE B 332 3.46 -3.80 -12.85
CA ILE B 332 4.02 -3.65 -14.20
C ILE B 332 3.66 -2.29 -14.76
N TYR B 333 2.40 -1.88 -14.62
CA TYR B 333 1.99 -0.56 -15.08
C TYR B 333 2.80 0.52 -14.41
N ASP B 334 3.02 0.39 -13.10
CA ASP B 334 3.79 1.40 -12.38
C ASP B 334 5.24 1.46 -12.89
N ILE B 335 5.83 0.32 -13.19
CA ILE B 335 7.22 0.34 -13.68
C ILE B 335 7.28 0.94 -15.07
N MET B 336 6.33 0.58 -15.94
CA MET B 336 6.33 1.14 -17.28
C MET B 336 6.15 2.65 -17.25
N MET B 337 5.21 3.13 -16.43
CA MET B 337 4.95 4.57 -16.42
C MET B 337 6.03 5.34 -15.67
N ASN B 338 6.58 4.78 -14.59
CA ASN B 338 7.41 5.55 -13.68
C ASN B 338 8.79 4.95 -13.47
N GLY B 339 9.08 3.81 -14.07
CA GLY B 339 10.35 3.13 -13.82
C GLY B 339 11.56 3.89 -14.32
N ASN B 340 12.70 3.54 -13.74
CA ASN B 340 13.95 4.17 -14.11
C ASN B 340 14.62 3.37 -15.20
N LYS B 341 15.09 4.08 -16.24
CA LYS B 341 15.82 3.44 -17.32
C LYS B 341 17.21 3.06 -16.85
N GLN B 342 17.53 1.77 -16.90
CA GLN B 342 18.83 1.28 -16.46
C GLN B 342 19.32 0.20 -17.41
N SER B 343 20.64 0.06 -17.48
CA SER B 343 21.30 -0.95 -18.27
C SER B 343 21.46 -2.23 -17.46
N ASP B 344 21.56 -3.35 -18.18
CA ASP B 344 21.76 -4.65 -17.51
C ASP B 344 22.82 -5.43 -18.27
N ARG B 345 23.27 -6.53 -17.65
CA ARG B 345 24.33 -7.35 -18.25
C ARG B 345 23.98 -7.78 -19.66
N THR B 346 22.73 -8.21 -19.89
CA THR B 346 22.32 -8.70 -21.20
C THR B 346 22.47 -7.64 -22.30
N GLY B 347 22.53 -6.36 -21.93
CA GLY B 347 22.45 -5.29 -22.90
C GLY B 347 21.04 -4.96 -23.34
N VAL B 348 20.03 -5.69 -22.85
CA VAL B 348 18.66 -5.36 -23.22
C VAL B 348 18.24 -4.03 -22.61
N GLY B 349 18.63 -3.79 -21.37
CA GLY B 349 18.12 -2.65 -20.64
C GLY B 349 16.79 -2.95 -19.97
N VAL B 350 16.53 -2.23 -18.88
CA VAL B 350 15.33 -2.45 -18.08
C VAL B 350 14.71 -1.12 -17.71
N LEU B 351 13.46 -1.19 -17.30
CA LEU B 351 12.85 -0.20 -16.43
C LEU B 351 12.77 -0.82 -15.04
N SER B 352 13.22 -0.10 -14.01
CA SER B 352 13.23 -0.67 -12.66
C SER B 352 12.65 0.30 -11.65
N LYS B 353 12.14 -0.29 -10.56
CA LYS B 353 11.78 0.41 -9.33
C LYS B 353 12.22 -0.47 -8.16
N PHE B 354 12.03 0.03 -6.94
CA PHE B 354 12.63 -0.58 -5.76
C PHE B 354 11.59 -0.63 -4.65
N GLY B 355 11.17 -1.84 -4.25
CA GLY B 355 10.31 -2.00 -3.09
C GLY B 355 8.82 -2.08 -3.36
N TYR B 356 8.27 -3.29 -3.38
CA TYR B 356 6.85 -3.56 -3.54
C TYR B 356 6.47 -4.73 -2.64
N ILE B 357 5.21 -4.79 -2.25
CA ILE B 357 4.61 -5.98 -1.63
C ILE B 357 3.37 -6.38 -2.42
N MET B 358 3.19 -7.70 -2.58
CA MET B 358 1.93 -8.28 -3.03
C MET B 358 1.48 -9.30 -1.99
N LYS B 359 0.16 -9.47 -1.87
CA LYS B 359 -0.39 -10.38 -0.88
C LYS B 359 -1.49 -11.19 -1.53
N PHE B 360 -1.40 -12.50 -1.40
CA PHE B 360 -2.32 -13.44 -2.03
C PHE B 360 -2.90 -14.32 -0.94
N ASP B 361 -4.23 -14.45 -0.94
CA ASP B 361 -4.97 -15.19 0.08
C ASP B 361 -5.12 -16.62 -0.41
N LEU B 362 -4.17 -17.47 -0.03
CA LEU B 362 -4.23 -18.88 -0.44
C LEU B 362 -5.47 -19.61 0.07
N SER B 363 -6.12 -19.13 1.13
CA SER B 363 -7.36 -19.75 1.56
C SER B 363 -8.51 -19.54 0.56
N GLN B 364 -8.38 -18.60 -0.37
CA GLN B 364 -9.47 -18.31 -1.30
C GLN B 364 -9.19 -18.70 -2.74
N TYR B 365 -7.92 -18.88 -3.12
CA TYR B 365 -7.55 -19.13 -4.51
C TYR B 365 -6.08 -19.50 -4.59
N PHE B 366 -5.72 -20.15 -5.69
CA PHE B 366 -4.34 -20.31 -6.05
C PHE B 366 -3.98 -19.28 -7.09
N PRO B 367 -3.01 -18.39 -6.82
CA PRO B 367 -2.78 -17.23 -7.70
C PRO B 367 -1.90 -17.56 -8.91
N LEU B 368 -2.38 -18.48 -9.74
CA LEU B 368 -1.73 -18.74 -11.02
C LEU B 368 -2.26 -17.73 -12.03
N LEU B 369 -1.36 -16.96 -12.64
CA LEU B 369 -1.80 -15.87 -13.50
C LEU B 369 -2.68 -16.40 -14.61
N THR B 370 -3.75 -15.65 -14.89
CA THR B 370 -4.73 -16.02 -15.89
C THR B 370 -4.67 -15.14 -17.14
N THR B 371 -3.94 -14.03 -17.10
CA THR B 371 -3.81 -13.18 -18.27
C THR B 371 -2.79 -13.72 -19.27
N LYS B 372 -2.21 -14.89 -18.99
CA LYS B 372 -1.47 -15.68 -19.99
C LYS B 372 -1.39 -17.09 -19.45
N LYS B 373 -0.94 -18.01 -20.30
CA LYS B 373 -0.84 -19.41 -19.91
C LYS B 373 0.47 -19.67 -19.17
N LEU B 374 0.38 -20.39 -18.05
CA LEU B 374 1.56 -20.79 -17.31
C LEU B 374 1.51 -22.28 -17.05
N PHE B 375 2.68 -22.91 -17.10
CA PHE B 375 2.89 -24.33 -16.85
C PHE B 375 3.61 -24.52 -15.53
N LEU B 376 3.29 -25.60 -14.84
CA LEU B 376 3.74 -25.80 -13.46
C LEU B 376 4.62 -27.03 -13.23
N ARG B 377 4.72 -27.97 -14.17
CA ARG B 377 5.46 -29.20 -13.88
C ARG B 377 6.92 -28.90 -13.53
N GLY B 378 7.56 -28.04 -14.32
CA GLY B 378 8.95 -27.71 -14.07
C GLY B 378 9.17 -27.08 -12.71
N ILE B 379 8.35 -26.06 -12.37
CA ILE B 379 8.62 -25.42 -11.08
C ILE B 379 8.29 -26.33 -9.91
N ILE B 380 7.37 -27.28 -10.06
CA ILE B 380 7.15 -28.25 -8.99
C ILE B 380 8.36 -29.16 -8.84
N GLU B 381 8.87 -29.69 -9.97
CA GLU B 381 10.08 -30.50 -9.95
C GLU B 381 11.25 -29.75 -9.33
N GLU B 382 11.44 -28.48 -9.70
CA GLU B 382 12.49 -27.68 -9.07
C GLU B 382 12.32 -27.63 -7.55
N LEU B 383 11.09 -27.49 -7.09
CA LEU B 383 10.85 -27.40 -5.65
C LEU B 383 11.13 -28.74 -4.97
N LEU B 384 10.70 -29.85 -5.59
CA LEU B 384 11.03 -31.16 -5.06
C LEU B 384 12.54 -31.36 -5.06
N TRP B 385 13.20 -30.90 -6.11
CA TRP B 385 14.66 -30.97 -6.20
C TRP B 385 15.31 -30.19 -5.04
N PHE B 386 14.83 -28.96 -4.75
CA PHE B 386 15.29 -28.18 -3.59
C PHE B 386 15.17 -28.99 -2.30
N ILE B 387 13.99 -29.54 -2.06
CA ILE B 387 13.69 -30.22 -0.81
C ILE B 387 14.59 -31.45 -0.64
N ARG B 388 14.95 -32.11 -1.73
CA ARG B 388 15.95 -33.18 -1.65
C ARG B 388 17.34 -32.64 -1.34
N GLY B 389 17.56 -31.32 -1.41
CA GLY B 389 18.86 -30.76 -1.12
C GLY B 389 19.86 -30.92 -2.24
N GLU B 390 19.40 -31.26 -3.45
CA GLU B 390 20.24 -31.51 -4.60
C GLU B 390 20.86 -30.24 -5.17
N THR B 391 22.04 -30.40 -5.79
CA THR B 391 22.68 -29.32 -6.54
C THR B 391 23.03 -29.78 -7.94
N ASN B 392 22.59 -30.97 -8.35
CA ASN B 392 22.97 -31.58 -9.62
C ASN B 392 21.96 -31.17 -10.69
N GLY B 393 22.41 -30.34 -11.65
CA GLY B 393 21.50 -29.87 -12.68
C GLY B 393 21.02 -30.95 -13.62
N ASN B 394 21.77 -32.06 -13.74
CA ASN B 394 21.39 -33.14 -14.64
C ASN B 394 20.09 -33.80 -14.22
N THR B 395 19.81 -33.86 -12.92
CA THR B 395 18.55 -34.43 -12.44
C THR B 395 17.36 -33.74 -13.09
N LEU B 396 17.37 -32.41 -13.12
CA LEU B 396 16.30 -31.65 -13.78
C LEU B 396 16.32 -31.88 -15.28
N LEU B 397 17.52 -31.78 -15.88
CA LEU B 397 17.65 -31.90 -17.33
C LEU B 397 17.14 -33.24 -17.85
N ASN B 398 17.38 -34.33 -17.10
CA ASN B 398 16.88 -35.64 -17.54
C ASN B 398 15.37 -35.74 -17.44
N LYS B 399 14.73 -34.87 -16.66
CA LYS B 399 13.28 -34.74 -16.64
C LYS B 399 12.78 -33.64 -17.55
N ASN B 400 13.66 -33.11 -18.41
CA ASN B 400 13.35 -32.01 -19.32
C ASN B 400 12.83 -30.77 -18.58
N VAL B 401 13.42 -30.51 -17.42
CA VAL B 401 13.21 -29.25 -16.73
C VAL B 401 14.49 -28.45 -16.92
N ARG B 402 14.39 -27.39 -17.72
CA ARG B 402 15.55 -26.65 -18.20
C ARG B 402 15.67 -25.27 -17.54
N ILE B 403 15.07 -25.10 -16.36
CA ILE B 403 15.13 -23.83 -15.65
C ILE B 403 16.57 -23.39 -15.41
N TRP B 404 17.44 -24.34 -15.02
CA TRP B 404 18.82 -24.06 -14.64
C TRP B 404 19.83 -24.39 -15.74
N GLU B 405 19.38 -24.73 -16.95
CA GLU B 405 20.32 -25.24 -17.95
C GLU B 405 21.37 -24.19 -18.32
N ALA B 406 20.93 -22.96 -18.61
CA ALA B 406 21.85 -21.91 -19.03
C ALA B 406 22.84 -21.54 -17.92
N ASN B 407 22.47 -21.74 -16.66
CA ASN B 407 23.35 -21.45 -15.54
C ASN B 407 24.38 -22.54 -15.28
N GLY B 408 24.27 -23.68 -15.94
CA GLY B 408 25.24 -24.75 -15.75
C GLY B 408 26.11 -25.06 -16.93
N THR B 409 26.09 -24.24 -17.99
CA THR B 409 26.95 -24.53 -19.13
C THR B 409 28.41 -24.25 -18.79
N ARG B 410 29.31 -24.85 -19.59
CA ARG B 410 30.73 -24.61 -19.40
C ARG B 410 31.07 -23.13 -19.50
N GLU B 411 30.50 -22.45 -20.50
CA GLU B 411 30.77 -21.03 -20.71
C GLU B 411 30.26 -20.20 -19.53
N PHE B 412 29.04 -20.47 -19.08
CA PHE B 412 28.49 -19.75 -17.94
C PHE B 412 29.33 -19.95 -16.69
N LEU B 413 29.72 -21.19 -16.40
CA LEU B 413 30.53 -21.46 -15.22
C LEU B 413 31.90 -20.79 -15.33
N ASP B 414 32.53 -20.87 -16.51
CA ASP B 414 33.83 -20.23 -16.70
C ASP B 414 33.72 -18.72 -16.51
N ASN B 415 32.68 -18.09 -17.06
CA ASN B 415 32.46 -16.66 -16.85
C ASN B 415 32.28 -16.33 -15.36
N ARG B 416 31.76 -17.27 -14.57
CA ARG B 416 31.72 -17.14 -13.12
C ARG B 416 33.06 -17.44 -12.47
N LYS B 417 34.10 -17.70 -13.25
CA LYS B 417 35.41 -18.11 -12.73
C LYS B 417 35.31 -19.44 -11.99
N LEU B 418 34.34 -20.28 -12.34
CA LEU B 418 34.24 -21.61 -11.73
C LEU B 418 34.86 -22.64 -12.67
N PHE B 419 36.17 -22.46 -12.92
CA PHE B 419 36.87 -23.23 -13.93
C PHE B 419 36.99 -24.69 -13.55
N HIS B 420 36.91 -25.03 -12.27
CA HIS B 420 37.04 -26.40 -11.80
C HIS B 420 35.72 -27.00 -11.38
N ARG B 421 34.63 -26.50 -11.96
CA ARG B 421 33.29 -26.95 -11.66
C ARG B 421 32.77 -27.75 -12.85
N GLU B 422 32.26 -28.94 -12.60
CA GLU B 422 31.69 -29.75 -13.67
C GLU B 422 30.43 -29.09 -14.25
N VAL B 423 30.20 -29.29 -15.56
CA VAL B 423 29.01 -28.76 -16.21
C VAL B 423 27.78 -29.27 -15.45
N ASN B 424 26.84 -28.36 -15.18
CA ASN B 424 25.59 -28.61 -14.45
C ASN B 424 25.80 -28.86 -12.96
N ASP B 425 27.02 -28.79 -12.45
CA ASP B 425 27.20 -28.77 -11.01
C ASP B 425 27.04 -27.32 -10.55
N LEU B 426 25.88 -27.01 -9.98
CA LEU B 426 25.53 -25.63 -9.73
C LEU B 426 26.12 -25.11 -8.42
N GLY B 427 26.76 -25.95 -7.63
CA GLY B 427 27.36 -25.52 -6.39
C GLY B 427 26.35 -25.38 -5.27
N PRO B 428 26.75 -24.70 -4.19
CA PRO B 428 25.95 -24.71 -2.95
C PRO B 428 24.74 -23.77 -3.02
N ILE B 429 23.85 -24.02 -4.00
CA ILE B 429 22.64 -23.24 -4.26
C ILE B 429 21.52 -23.74 -3.34
N TYR B 430 20.28 -23.26 -3.60
CA TYR B 430 19.14 -23.38 -2.70
C TYR B 430 19.08 -24.68 -1.90
N GLY B 431 19.00 -25.82 -2.61
CA GLY B 431 18.81 -27.09 -1.92
C GLY B 431 19.90 -27.40 -0.93
N PHE B 432 21.15 -27.13 -1.32
CA PHE B 432 22.26 -27.27 -0.39
C PHE B 432 22.12 -26.37 0.82
N GLN B 433 21.69 -25.11 0.62
CA GLN B 433 21.58 -24.22 1.77
C GLN B 433 20.42 -24.60 2.67
N TRP B 434 19.30 -25.07 2.10
CA TRP B 434 18.15 -25.46 2.92
C TRP B 434 18.46 -26.66 3.81
N ARG B 435 19.28 -27.60 3.32
CA ARG B 435 19.54 -28.83 4.05
C ARG B 435 20.93 -28.89 4.67
N HIS B 436 21.90 -28.07 4.20
CA HIS B 436 23.28 -28.23 4.63
C HIS B 436 24.01 -26.89 4.81
N PHE B 437 23.27 -25.83 5.17
CA PHE B 437 23.88 -24.52 5.32
C PHE B 437 25.14 -24.61 6.16
N GLY B 438 26.24 -24.08 5.63
CA GLY B 438 27.50 -24.08 6.35
C GLY B 438 28.40 -25.27 6.11
N ALA B 439 27.89 -26.34 5.53
CA ALA B 439 28.78 -27.44 5.17
C ALA B 439 29.68 -27.02 4.02
N GLU B 440 30.87 -27.60 3.99
CA GLU B 440 31.82 -27.34 2.92
C GLU B 440 31.36 -28.07 1.66
N TYR B 441 31.22 -27.34 0.56
CA TYR B 441 30.80 -27.96 -0.70
C TYR B 441 31.99 -28.56 -1.43
N THR B 442 31.83 -29.80 -1.89
CA THR B 442 32.87 -30.41 -2.71
C THR B 442 32.41 -30.54 -4.15
N ASN B 443 31.42 -31.39 -4.42
CA ASN B 443 30.89 -31.56 -5.77
C ASN B 443 29.47 -32.09 -5.62
N MET B 444 28.72 -32.09 -6.71
CA MET B 444 27.30 -32.42 -6.62
C MET B 444 27.03 -33.89 -6.30
N TYR B 445 28.04 -34.76 -6.39
CA TYR B 445 27.85 -36.18 -6.07
C TYR B 445 28.24 -36.55 -4.65
N ASP B 446 28.75 -35.63 -3.84
CA ASP B 446 29.22 -36.02 -2.52
C ASP B 446 28.05 -36.40 -1.59
N ASN B 447 28.41 -37.07 -0.51
CA ASN B 447 27.45 -37.45 0.52
C ASN B 447 27.52 -36.39 1.60
N TYR B 448 26.47 -35.57 1.72
CA TYR B 448 26.43 -34.50 2.70
C TYR B 448 25.55 -34.84 3.91
N GLU B 449 25.10 -36.09 4.05
CA GLU B 449 24.16 -36.43 5.11
C GLU B 449 24.70 -36.04 6.49
N ASN B 450 23.87 -35.35 7.26
CA ASN B 450 24.21 -34.81 8.58
C ASN B 450 25.32 -33.78 8.53
N LYS B 451 25.55 -33.14 7.39
CA LYS B 451 26.52 -32.06 7.31
C LYS B 451 25.79 -30.72 7.21
N GLY B 452 26.25 -29.74 8.01
CA GLY B 452 25.65 -28.42 8.06
C GLY B 452 24.27 -28.39 8.74
N VAL B 453 23.64 -27.22 8.67
CA VAL B 453 22.35 -26.99 9.32
C VAL B 453 21.21 -27.34 8.35
N ASP B 454 20.37 -28.27 8.76
CA ASP B 454 19.12 -28.60 8.06
C ASP B 454 18.07 -27.56 8.48
N GLN B 455 18.09 -26.44 7.77
CA GLN B 455 17.15 -25.35 7.99
C GLN B 455 15.72 -25.81 7.78
N LEU B 456 15.48 -26.54 6.70
CA LEU B 456 14.13 -26.95 6.36
C LEU B 456 13.53 -27.80 7.48
N LYS B 457 14.29 -28.76 8.02
CA LYS B 457 13.80 -29.53 9.16
C LYS B 457 13.60 -28.63 10.35
N ASN B 458 14.52 -27.70 10.56
CA ASN B 458 14.40 -26.80 11.71
C ASN B 458 13.15 -25.95 11.63
N ILE B 459 12.79 -25.42 10.45
CA ILE B 459 11.62 -24.54 10.44
C ILE B 459 10.34 -25.36 10.59
N ILE B 460 10.30 -26.55 10.00
CA ILE B 460 9.11 -27.38 10.15
C ILE B 460 8.91 -27.72 11.63
N ASN B 461 10.01 -27.93 12.36
CA ASN B 461 9.92 -28.24 13.78
C ASN B 461 9.50 -27.01 14.60
N LEU B 462 9.97 -25.82 14.21
CA LEU B 462 9.53 -24.61 14.90
C LEU B 462 8.05 -24.37 14.67
N ILE B 463 7.58 -24.61 13.46
CA ILE B 463 6.16 -24.40 13.18
C ILE B 463 5.31 -25.34 14.03
N LYS B 464 5.74 -26.60 14.16
CA LYS B 464 4.96 -27.57 14.93
C LYS B 464 5.01 -27.28 16.42
N ASN B 465 6.21 -26.98 16.95
CA ASN B 465 6.49 -26.99 18.38
C ASN B 465 6.59 -25.62 19.02
N ASP B 466 6.86 -24.57 18.25
CA ASP B 466 6.95 -23.21 18.79
C ASP B 466 6.36 -22.23 17.79
N PRO B 467 5.05 -22.35 17.52
CA PRO B 467 4.49 -21.62 16.36
C PRO B 467 4.51 -20.11 16.49
N THR B 468 4.62 -19.55 17.69
CA THR B 468 4.69 -18.10 17.82
C THR B 468 6.11 -17.58 17.81
N SER B 469 7.08 -18.42 17.44
CA SER B 469 8.44 -17.94 17.25
C SER B 469 8.49 -16.86 16.17
N ARG B 470 9.32 -15.86 16.39
CA ARG B 470 9.63 -14.91 15.32
C ARG B 470 10.93 -15.26 14.60
N ARG B 471 11.41 -16.49 14.75
CA ARG B 471 12.69 -16.90 14.14
C ARG B 471 12.49 -17.98 13.09
N ILE B 472 11.27 -18.13 12.57
CA ILE B 472 10.97 -19.22 11.64
C ILE B 472 11.32 -18.68 10.26
N LEU B 473 12.61 -18.75 9.92
CA LEU B 473 13.10 -18.26 8.64
C LEU B 473 13.95 -19.32 7.95
N LEU B 474 13.90 -19.29 6.63
CA LEU B 474 14.64 -20.20 5.78
C LEU B 474 15.42 -19.31 4.81
N CYS B 475 16.76 -19.33 4.91
CA CYS B 475 17.62 -18.37 4.20
C CYS B 475 18.52 -19.10 3.22
N ALA B 476 18.50 -18.68 1.96
CA ALA B 476 19.37 -19.23 0.94
C ALA B 476 20.61 -18.37 0.68
N TRP B 477 20.63 -17.13 1.19
CA TRP B 477 21.75 -16.19 0.93
C TRP B 477 22.87 -16.47 1.94
N ASN B 478 23.66 -17.49 1.64
CA ASN B 478 24.85 -17.82 2.44
C ASN B 478 26.01 -16.99 1.89
N VAL B 479 26.38 -15.93 2.63
CA VAL B 479 27.35 -14.95 2.14
C VAL B 479 28.69 -15.62 1.84
N LYS B 480 29.05 -16.66 2.59
CA LYS B 480 30.33 -17.32 2.39
C LYS B 480 30.36 -18.13 1.10
N ASP B 481 29.21 -18.63 0.64
CA ASP B 481 29.16 -19.51 -0.52
C ASP B 481 28.73 -18.82 -1.81
N LEU B 482 28.42 -17.52 -1.80
CA LEU B 482 27.86 -16.88 -3.00
C LEU B 482 28.72 -17.12 -4.23
N ASP B 483 30.04 -16.91 -4.10
CA ASP B 483 30.91 -16.99 -5.28
C ASP B 483 31.02 -18.42 -5.81
N GLN B 484 30.86 -19.43 -4.95
CA GLN B 484 30.82 -20.82 -5.41
C GLN B 484 29.50 -21.22 -6.05
N MET B 485 28.44 -20.40 -5.95
CA MET B 485 27.20 -20.76 -6.61
C MET B 485 27.25 -20.40 -8.10
N ALA B 486 26.58 -21.21 -8.92
CA ALA B 486 26.44 -20.84 -10.32
C ALA B 486 25.91 -19.42 -10.44
N LEU B 487 24.94 -19.05 -9.59
CA LEU B 487 24.59 -17.65 -9.40
C LEU B 487 23.94 -17.48 -8.04
N PRO B 488 24.04 -16.30 -7.43
CA PRO B 488 23.48 -16.12 -6.09
C PRO B 488 21.96 -16.15 -6.13
N PRO B 489 21.31 -16.55 -5.04
CA PRO B 489 19.86 -16.75 -5.09
C PRO B 489 19.13 -15.43 -5.28
N CYS B 490 18.07 -15.48 -6.07
CA CYS B 490 17.14 -14.35 -6.14
C CYS B 490 16.17 -14.37 -4.98
N HIS B 491 15.79 -15.56 -4.52
CA HIS B 491 14.82 -15.70 -3.43
C HIS B 491 15.60 -15.80 -2.12
N ILE B 492 15.81 -14.65 -1.48
CA ILE B 492 16.75 -14.54 -0.37
C ILE B 492 16.29 -15.41 0.79
N LEU B 493 15.03 -15.28 1.18
CA LEU B 493 14.56 -15.91 2.40
C LEU B 493 13.05 -16.10 2.35
N CYS B 494 12.58 -17.01 3.19
CA CYS B 494 11.19 -17.21 3.55
C CYS B 494 11.06 -17.08 5.05
N GLN B 495 10.09 -16.30 5.51
CA GLN B 495 9.71 -16.27 6.91
C GLN B 495 8.26 -16.72 7.03
N PHE B 496 7.95 -17.47 8.09
CA PHE B 496 6.62 -18.00 8.32
C PHE B 496 6.02 -17.38 9.58
N TYR B 497 4.70 -17.46 9.64
CA TYR B 497 3.89 -16.84 10.69
C TYR B 497 2.69 -17.75 10.91
N VAL B 498 2.43 -18.11 12.17
CA VAL B 498 1.34 -19.04 12.49
C VAL B 498 0.36 -18.34 13.44
N PHE B 499 -0.93 -18.38 13.09
CA PHE B 499 -1.96 -17.90 14.00
C PHE B 499 -3.26 -18.65 13.75
N ASP B 500 -3.94 -18.98 14.85
CA ASP B 500 -5.19 -19.74 14.84
C ASP B 500 -5.14 -20.90 13.84
N GLY B 501 -4.07 -21.68 13.93
CA GLY B 501 -3.97 -22.82 13.04
C GLY B 501 -3.74 -22.47 11.59
N LYS B 502 -3.25 -21.27 11.30
CA LYS B 502 -3.09 -20.87 9.91
C LYS B 502 -1.65 -20.43 9.68
N LEU B 503 -1.11 -20.76 8.51
CA LEU B 503 0.28 -20.47 8.15
C LEU B 503 0.35 -19.41 7.06
N SER B 504 1.13 -18.36 7.30
CA SER B 504 1.44 -17.37 6.27
C SER B 504 2.94 -17.37 6.02
N CYS B 505 3.32 -16.90 4.84
CA CYS B 505 4.71 -16.93 4.39
C CYS B 505 5.05 -15.65 3.63
N ILE B 506 6.16 -15.02 4.03
CA ILE B 506 6.75 -13.91 3.30
C ILE B 506 7.99 -14.44 2.57
N MET B 507 8.12 -14.09 1.30
CA MET B 507 9.34 -14.36 0.56
C MET B 507 9.94 -13.04 0.09
N TYR B 508 11.21 -12.83 0.38
CA TYR B 508 11.92 -11.62 -0.02
C TYR B 508 12.76 -11.95 -1.25
N GLN B 509 12.50 -11.23 -2.34
CA GLN B 509 13.18 -11.49 -3.60
C GLN B 509 14.00 -10.26 -3.99
N ARG B 510 15.32 -10.43 -4.06
CA ARG B 510 16.18 -9.28 -4.32
C ARG B 510 16.07 -8.81 -5.76
N SER B 511 15.70 -9.70 -6.69
CA SER B 511 15.75 -9.35 -8.10
C SER B 511 14.58 -10.00 -8.81
N CYS B 512 13.74 -9.17 -9.45
CA CYS B 512 12.42 -9.60 -9.92
C CYS B 512 12.26 -9.27 -11.39
N ASP B 513 12.29 -10.29 -12.22
CA ASP B 513 11.97 -10.16 -13.64
C ASP B 513 10.46 -10.23 -13.73
N LEU B 514 9.82 -9.06 -13.82
CA LEU B 514 8.36 -9.01 -13.75
C LEU B 514 7.71 -9.77 -14.91
N GLY B 515 8.28 -9.63 -16.12
CA GLY B 515 7.68 -10.24 -17.29
C GLY B 515 7.72 -11.76 -17.30
N LEU B 516 8.84 -12.35 -16.90
CA LEU B 516 9.07 -13.77 -17.09
C LEU B 516 9.17 -14.54 -15.79
N GLY B 517 10.00 -14.09 -14.84
CA GLY B 517 10.25 -14.82 -13.61
C GLY B 517 9.14 -14.75 -12.57
N VAL B 518 8.70 -13.54 -12.24
CA VAL B 518 7.76 -13.30 -11.13
C VAL B 518 6.48 -14.13 -11.23
N PRO B 519 5.82 -14.29 -12.40
CA PRO B 519 4.66 -15.19 -12.43
C PRO B 519 4.95 -16.62 -11.94
N PHE B 520 6.10 -17.19 -12.30
CA PHE B 520 6.48 -18.50 -11.79
C PHE B 520 6.83 -18.44 -10.31
N ASN B 521 7.49 -17.37 -9.88
CA ASN B 521 7.92 -17.26 -8.49
C ASN B 521 6.72 -17.25 -7.54
N ILE B 522 5.68 -16.48 -7.85
CA ILE B 522 4.46 -16.51 -7.04
C ILE B 522 3.93 -17.94 -6.92
N ALA B 523 3.88 -18.66 -8.04
CA ALA B 523 3.37 -20.03 -8.00
C ALA B 523 4.26 -20.96 -7.15
N SER B 524 5.59 -20.88 -7.33
CA SER B 524 6.48 -21.74 -6.57
C SER B 524 6.25 -21.60 -5.07
N TYR B 525 6.29 -20.36 -4.58
CA TYR B 525 6.24 -20.16 -3.15
C TYR B 525 4.82 -20.25 -2.61
N SER B 526 3.81 -20.07 -3.45
CA SER B 526 2.45 -20.42 -3.02
C SER B 526 2.31 -21.92 -2.82
N ILE B 527 2.84 -22.72 -3.76
CA ILE B 527 2.83 -24.18 -3.62
C ILE B 527 3.62 -24.59 -2.36
N PHE B 528 4.82 -24.00 -2.19
CA PHE B 528 5.63 -24.31 -1.01
C PHE B 528 4.88 -24.03 0.28
N THR B 529 4.19 -22.89 0.36
CA THR B 529 3.41 -22.56 1.56
C THR B 529 2.36 -23.63 1.84
N HIS B 530 1.62 -24.07 0.81
CA HIS B 530 0.71 -25.21 0.95
C HIS B 530 1.44 -26.46 1.46
N MET B 531 2.59 -26.81 0.86
CA MET B 531 3.30 -28.00 1.30
C MET B 531 3.70 -27.90 2.76
N ILE B 532 4.27 -26.77 3.17
CA ILE B 532 4.64 -26.61 4.57
C ILE B 532 3.41 -26.67 5.46
N ALA B 533 2.31 -26.03 5.05
CA ALA B 533 1.12 -26.02 5.90
C ALA B 533 0.60 -27.43 6.12
N GLN B 534 0.49 -28.23 5.05
CA GLN B 534 -0.06 -29.57 5.17
C GLN B 534 0.80 -30.47 6.05
N VAL B 535 2.13 -30.45 5.87
CA VAL B 535 2.96 -31.31 6.71
C VAL B 535 2.99 -30.85 8.15
N CYS B 536 2.46 -29.65 8.45
CA CYS B 536 2.36 -29.18 9.83
C CYS B 536 0.92 -29.17 10.35
N ASN B 537 -0.04 -29.74 9.62
CA ASN B 537 -1.44 -29.80 10.07
C ASN B 537 -2.00 -28.39 10.29
N LEU B 538 -1.74 -27.51 9.32
CA LEU B 538 -2.19 -26.14 9.35
C LEU B 538 -2.87 -25.81 8.01
N GLN B 539 -3.65 -24.75 8.02
CA GLN B 539 -4.23 -24.26 6.78
C GLN B 539 -3.39 -23.12 6.23
N PRO B 540 -3.10 -23.09 4.94
CA PRO B 540 -2.41 -21.91 4.38
C PRO B 540 -3.26 -20.67 4.52
N ALA B 541 -2.61 -19.54 4.85
CA ALA B 541 -3.39 -18.31 4.74
C ALA B 541 -2.87 -17.37 3.66
N GLN B 542 -1.83 -16.60 3.93
CA GLN B 542 -1.37 -15.61 2.96
C GLN B 542 0.02 -15.99 2.46
N PHE B 543 0.23 -15.83 1.16
CA PHE B 543 1.58 -15.72 0.62
C PHE B 543 1.85 -14.25 0.37
N ILE B 544 2.95 -13.74 0.92
CA ILE B 544 3.30 -12.34 0.87
C ILE B 544 4.64 -12.22 0.15
N HIS B 545 4.65 -11.48 -0.95
CA HIS B 545 5.81 -11.44 -1.84
C HIS B 545 6.42 -10.05 -1.79
N VAL B 546 7.64 -9.93 -1.27
CA VAL B 546 8.32 -8.64 -1.18
C VAL B 546 9.34 -8.58 -2.31
N LEU B 547 9.23 -7.53 -3.13
CA LEU B 547 10.05 -7.35 -4.32
C LEU B 547 11.09 -6.27 -4.05
N GLY B 548 12.35 -6.58 -4.33
CA GLY B 548 13.41 -5.60 -4.14
C GLY B 548 13.64 -4.85 -5.43
N ASN B 549 14.70 -5.19 -6.16
CA ASN B 549 14.91 -4.62 -7.49
C ASN B 549 13.90 -5.26 -8.44
N ALA B 550 12.87 -4.51 -8.81
CA ALA B 550 11.77 -5.01 -9.61
C ALA B 550 11.85 -4.36 -10.99
N HIS B 551 11.98 -5.18 -12.03
CA HIS B 551 12.34 -4.64 -13.33
C HIS B 551 11.55 -5.32 -14.44
N VAL B 552 11.35 -4.54 -15.51
CA VAL B 552 10.74 -5.03 -16.74
C VAL B 552 11.77 -4.86 -17.85
N TYR B 553 12.18 -5.98 -18.44
CA TYR B 553 13.09 -5.93 -19.58
C TYR B 553 12.43 -5.24 -20.76
N ASN B 554 13.22 -4.43 -21.48
CA ASN B 554 12.66 -3.65 -22.59
C ASN B 554 12.08 -4.54 -23.68
N ASN B 555 12.67 -5.72 -23.90
CA ASN B 555 12.12 -6.60 -24.92
C ASN B 555 10.84 -7.29 -24.47
N HIS B 556 10.36 -7.06 -23.25
CA HIS B 556 9.06 -7.56 -22.80
C HIS B 556 7.96 -6.52 -22.90
N ILE B 557 8.31 -5.25 -23.18
CA ILE B 557 7.37 -4.15 -23.03
C ILE B 557 6.16 -4.34 -23.93
N ASP B 558 6.38 -4.76 -25.18
CA ASP B 558 5.24 -4.92 -26.08
C ASP B 558 4.35 -6.08 -25.67
N SER B 559 4.96 -7.20 -25.25
CA SER B 559 4.16 -8.32 -24.75
C SER B 559 3.39 -7.93 -23.48
N LEU B 560 3.99 -7.14 -22.60
CA LEU B 560 3.27 -6.76 -21.39
C LEU B 560 2.16 -5.76 -21.68
N LYS B 561 2.31 -4.92 -22.72
CA LYS B 561 1.20 -4.07 -23.15
C LYS B 561 0.01 -4.91 -23.58
N ILE B 562 0.23 -5.98 -24.33
CA ILE B 562 -0.88 -6.87 -24.66
C ILE B 562 -1.49 -7.43 -23.39
N GLN B 563 -0.66 -7.87 -22.44
CA GLN B 563 -1.17 -8.60 -21.29
C GLN B 563 -1.96 -7.69 -20.35
N LEU B 564 -1.53 -6.42 -20.22
CA LEU B 564 -2.20 -5.52 -19.30
C LEU B 564 -3.63 -5.20 -19.72
N ASN B 565 -3.96 -5.38 -21.00
CA ASN B 565 -5.29 -5.12 -21.52
C ASN B 565 -6.12 -6.38 -21.62
N ARG B 566 -5.73 -7.44 -20.93
CA ARG B 566 -6.57 -8.62 -20.80
C ARG B 566 -7.16 -8.60 -19.41
N ILE B 567 -8.40 -9.04 -19.30
CA ILE B 567 -9.14 -9.01 -18.03
C ILE B 567 -8.99 -10.37 -17.36
N PRO B 568 -8.48 -10.43 -16.11
CA PRO B 568 -8.24 -11.73 -15.47
C PRO B 568 -9.52 -12.54 -15.32
N TYR B 569 -9.34 -13.88 -15.29
CA TYR B 569 -10.37 -14.87 -14.99
C TYR B 569 -10.30 -15.25 -13.52
N PRO B 570 -11.37 -15.81 -12.95
CA PRO B 570 -11.27 -16.28 -11.57
C PRO B 570 -10.18 -17.33 -11.46
N PHE B 571 -9.40 -17.26 -10.36
CA PHE B 571 -8.20 -18.07 -10.20
C PHE B 571 -8.52 -19.56 -10.09
N PRO B 572 -7.53 -20.42 -10.38
CA PRO B 572 -7.72 -21.86 -10.14
C PRO B 572 -7.55 -22.19 -8.67
N THR B 573 -7.57 -23.48 -8.36
CA THR B 573 -7.28 -23.98 -7.02
C THR B 573 -6.21 -25.05 -7.11
N LEU B 574 -5.50 -25.24 -6.00
CA LEU B 574 -4.44 -26.24 -5.90
C LEU B 574 -4.86 -27.33 -4.92
N LYS B 575 -4.75 -28.58 -5.35
CA LYS B 575 -5.07 -29.74 -4.52
C LYS B 575 -3.81 -30.56 -4.29
N LEU B 576 -3.46 -30.77 -3.02
CA LEU B 576 -2.39 -31.67 -2.65
C LEU B 576 -2.98 -33.01 -2.21
N ASN B 577 -2.34 -34.10 -2.64
CA ASN B 577 -2.63 -35.42 -2.10
C ASN B 577 -2.64 -35.35 -0.58
N PRO B 578 -3.80 -35.52 0.07
CA PRO B 578 -3.88 -35.37 1.53
C PRO B 578 -3.05 -36.37 2.32
N ASP B 579 -2.66 -37.50 1.70
CA ASP B 579 -1.91 -38.54 2.39
C ASP B 579 -0.48 -38.12 2.73
N ILE B 580 0.09 -37.17 1.97
CA ILE B 580 1.48 -36.78 2.21
C ILE B 580 1.54 -35.98 3.51
N LYS B 581 2.32 -36.48 4.47
CA LYS B 581 2.43 -35.84 5.78
C LYS B 581 3.85 -35.44 6.13
N ASN B 582 4.82 -35.67 5.26
CA ASN B 582 6.20 -35.28 5.54
C ASN B 582 6.75 -34.55 4.33
N ILE B 583 7.57 -33.51 4.59
CA ILE B 583 7.95 -32.59 3.50
C ILE B 583 8.68 -33.34 2.39
N GLU B 584 9.37 -34.43 2.72
CA GLU B 584 10.18 -35.17 1.77
C GLU B 584 9.39 -36.20 0.96
N ASP B 585 8.13 -36.47 1.28
CA ASP B 585 7.38 -37.53 0.61
C ASP B 585 6.57 -37.07 -0.59
N PHE B 586 6.63 -35.78 -0.97
CA PHE B 586 5.86 -35.30 -2.12
C PHE B 586 6.51 -35.74 -3.42
N THR B 587 5.67 -36.13 -4.39
CA THR B 587 6.10 -36.47 -5.74
C THR B 587 5.26 -35.68 -6.72
N ILE B 588 5.70 -35.67 -7.98
CA ILE B 588 5.05 -34.81 -8.97
C ILE B 588 3.56 -35.11 -9.09
N SER B 589 3.16 -36.38 -8.91
CA SER B 589 1.75 -36.75 -9.09
C SER B 589 0.85 -36.30 -7.94
N ASP B 590 1.44 -35.78 -6.83
CA ASP B 590 0.71 -35.33 -5.66
C ASP B 590 0.13 -33.92 -5.79
N PHE B 591 0.27 -33.27 -6.93
CA PHE B 591 -0.15 -31.88 -7.11
C PHE B 591 -1.14 -31.80 -8.26
N THR B 592 -2.29 -31.15 -8.02
CA THR B 592 -3.27 -30.99 -9.08
C THR B 592 -3.79 -29.55 -9.08
N ILE B 593 -3.62 -28.86 -10.21
CA ILE B 593 -4.28 -27.59 -10.45
C ILE B 593 -5.67 -27.85 -11.02
N GLN B 594 -6.69 -27.24 -10.43
CA GLN B 594 -8.07 -27.48 -10.82
C GLN B 594 -8.68 -26.18 -11.35
N ASN B 595 -9.43 -26.31 -12.45
CA ASN B 595 -10.26 -25.20 -12.96
C ASN B 595 -9.43 -23.99 -13.36
N TYR B 596 -8.34 -24.23 -14.07
CA TYR B 596 -7.48 -23.16 -14.54
C TYR B 596 -8.04 -22.61 -15.84
N VAL B 597 -8.59 -21.39 -15.78
CA VAL B 597 -9.08 -20.68 -16.95
C VAL B 597 -8.13 -19.52 -17.22
N HIS B 598 -7.64 -19.44 -18.45
CA HIS B 598 -6.55 -18.52 -18.74
C HIS B 598 -6.68 -18.00 -20.16
N HIS B 599 -6.13 -16.82 -20.39
CA HIS B 599 -5.91 -16.30 -21.72
C HIS B 599 -4.81 -17.10 -22.41
N GLU B 600 -4.58 -16.80 -23.68
CA GLU B 600 -3.65 -17.61 -24.44
C GLU B 600 -2.20 -17.22 -24.12
N LYS B 601 -1.29 -18.13 -24.43
CA LYS B 601 0.10 -17.95 -24.08
C LYS B 601 0.69 -16.75 -24.81
N ILE B 602 1.63 -16.09 -24.16
CA ILE B 602 2.32 -14.93 -24.72
C ILE B 602 3.81 -15.22 -24.70
N SER B 603 4.45 -15.23 -25.87
CA SER B 603 5.90 -15.27 -25.93
C SER B 603 6.43 -13.91 -25.53
N MET B 604 7.18 -13.86 -24.41
CA MET B 604 7.60 -12.57 -23.88
C MET B 604 8.62 -11.90 -24.79
N ASP B 605 9.54 -12.69 -25.36
CA ASP B 605 10.57 -12.25 -26.33
C ASP B 605 11.65 -11.41 -25.69
#